data_7EAI
#
_entry.id   7EAI
#
loop_
_entity.id
_entity.type
_entity.pdbx_description
1 polymer 'Capsid protein VP1'
2 polymer 'Capsid protein VP0'
3 polymer 'Capsid protein VP3'
4 non-polymer SPHINGOSINE
#
loop_
_entity_poly.entity_id
_entity_poly.type
_entity_poly.pdbx_seq_one_letter_code
_entity_poly.pdbx_strand_id
1 'polypeptide(L)'
;GDVEEAIDRAVARVADTMPTGPRNTESVPALTAVETGHTSQVVPGDTMQTRHVKNYHSRTESSIENFLCRAACVYIATYK
SAGGTPTERYASWRINTRQMVQLRRKFELFTYLRFDMEITFVITSTQDPGTQLAQDMPVLTHQIMYIPPGGPVPNSATDF
AWQSSTNPSIFWTEGCAPARMSVPFISIGNAYSNFYDGWSHFTQEGVYGFNSLNNMGHIYVRHVNEQSLGVSTSTLRVYF
KPKHVRAWVPRPPRLSPYVKSSNVNFKPTAVTTERKDINDVGTLRPVGYTNH
;
A
2 'polypeptide(L)'
;GAQVSTQKTGAHETSLTASGNSTIHYTNINYYKDAASNSANRQDFTQDPSKFTEPMKDVMIKSLPALNSPTVEECGFSDR
VRSITLGNSTITTQECANVVVGYGVWPSYLQDNEATAEDQPTQPDVATCRFYTLDSIQWQKESDGWWWKFPEALKNMGLF
GQNMEYHYLGRSGYTIHVQCNASKFHQGCLLVVCVPEAEMGCSDVEREVVAASLSSEDTAKSFSRTESNGQHTVQTVVYN
AGMGVGVGNLTIFPHQWINLRTNNSATIVMPYINSVPMDNMFRHYNFTLMIIPFAKLEYTEQASNYVPITVTVAPMCAEY
NGLRLASHQ
;
B
3 'polypeptide(L)'
;GLPTMLTPGSNQFLTSDDFQSPSAMPQFDVTPEMKIPGEVHNLMEIAEVDSVVPVNNTKENINSMEAYRIPVTGGDQLHT
QVFGFQMQPGLNSVFKRTLLGEILNYYAHWSGSVKLTFVFCGSAMATGKFLLAYSPPGASPPQNRKQAMLGTHVIWDVGL
QSSCVLCIPWISQTHYRLVQQDEYTSAGYVTCWYQTGLIVPPGAPPSCTILCFASACNDFSVRNLRDTPFIEQTQLLQ
;
C
#
# COMPACT_ATOMS: atom_id res chain seq x y z
N ASN A 55 -9.82 -2.81 27.71
CA ASN A 55 -10.23 -2.37 26.38
C ASN A 55 -10.18 -0.85 26.28
N TYR A 56 -9.73 -0.20 27.35
CA TYR A 56 -9.66 1.26 27.39
C TYR A 56 -8.29 1.76 26.94
N HIS A 57 -7.85 1.27 25.79
CA HIS A 57 -6.56 1.57 25.19
C HIS A 57 -6.73 2.02 23.75
N SER A 58 -7.60 3.00 23.55
CA SER A 58 -7.95 3.47 22.21
C SER A 58 -6.77 4.18 21.55
N ARG A 59 -6.86 4.32 20.24
CA ARG A 59 -5.77 4.79 19.40
C ARG A 59 -5.93 6.27 19.11
N THR A 60 -4.91 7.05 19.46
CA THR A 60 -4.83 8.46 19.11
C THR A 60 -3.65 8.76 18.21
N GLU A 61 -2.49 8.17 18.47
CA GLU A 61 -1.30 8.37 17.65
C GLU A 61 -1.23 7.40 16.48
N SER A 62 -2.30 6.64 16.25
CA SER A 62 -2.42 5.79 15.07
C SER A 62 -3.33 6.40 14.02
N SER A 63 -3.74 7.65 14.20
CA SER A 63 -4.66 8.28 13.27
C SER A 63 -3.96 8.62 11.96
N ILE A 64 -4.77 8.99 10.96
CA ILE A 64 -4.20 9.36 9.66
C ILE A 64 -3.51 10.71 9.74
N GLU A 65 -3.87 11.55 10.70
CA GLU A 65 -3.18 12.82 10.87
C GLU A 65 -1.78 12.60 11.43
N ASN A 66 -1.69 12.03 12.63
CA ASN A 66 -0.42 11.94 13.35
C ASN A 66 0.57 10.99 12.70
N PHE A 67 0.10 10.08 11.85
CA PHE A 67 1.00 9.28 11.04
C PHE A 67 1.61 10.08 9.90
N LEU A 68 0.95 11.16 9.46
CA LEU A 68 1.39 11.90 8.30
C LEU A 68 1.59 13.39 8.54
N CYS A 69 1.34 13.89 9.74
CA CYS A 69 1.62 15.29 10.06
C CYS A 69 2.99 15.46 10.68
N ARG A 70 4.03 14.93 10.02
CA ARG A 70 5.40 15.08 10.46
C ARG A 70 6.26 15.47 9.26
N ALA A 71 7.05 16.52 9.42
CA ALA A 71 7.78 17.10 8.30
C ALA A 71 8.99 16.27 7.93
N ALA A 72 8.99 15.73 6.71
CA ALA A 72 10.11 14.93 6.21
C ALA A 72 10.88 15.71 5.16
N CYS A 73 12.20 15.50 5.14
CA CYS A 73 13.06 16.15 4.17
C CYS A 73 12.87 15.53 2.79
N VAL A 74 12.77 16.37 1.77
CA VAL A 74 12.39 15.89 0.44
C VAL A 74 13.51 16.14 -0.57
N TYR A 75 14.28 17.22 -0.41
CA TYR A 75 15.30 17.54 -1.39
C TYR A 75 16.53 18.15 -0.72
N ILE A 76 17.68 17.94 -1.34
CA ILE A 76 18.96 18.50 -0.90
C ILE A 76 19.58 19.19 -2.11
N ALA A 77 19.55 20.51 -2.13
CA ALA A 77 20.17 21.27 -3.21
C ALA A 77 21.52 21.81 -2.78
N THR A 78 22.24 22.40 -3.74
CA THR A 78 23.53 23.04 -3.48
C THR A 78 23.78 24.06 -4.58
N TYR A 79 24.03 25.30 -4.19
CA TYR A 79 24.24 26.37 -5.16
C TYR A 79 25.25 27.36 -4.64
N LYS A 80 26.19 27.75 -5.49
CA LYS A 80 27.28 28.66 -5.10
C LYS A 80 26.81 30.10 -5.26
N SER A 81 27.74 31.05 -5.16
CA SER A 81 27.41 32.47 -5.31
C SER A 81 28.45 33.23 -6.11
N ALA A 82 29.10 32.56 -7.07
CA ALA A 82 30.20 33.15 -7.82
C ALA A 82 29.84 33.28 -9.30
N GLY A 83 30.65 34.07 -10.00
CA GLY A 83 30.51 34.16 -11.44
C GLY A 83 31.13 32.96 -12.12
N GLY A 84 30.67 32.68 -13.34
CA GLY A 84 31.09 31.50 -14.06
C GLY A 84 30.33 30.26 -13.62
N THR A 85 30.10 29.37 -14.59
CA THR A 85 29.17 28.25 -14.50
C THR A 85 27.83 28.68 -13.91
N PRO A 86 26.98 29.36 -14.71
CA PRO A 86 25.74 29.96 -14.17
C PRO A 86 24.71 28.97 -13.64
N THR A 87 24.86 27.68 -13.96
CA THR A 87 23.97 26.68 -13.39
C THR A 87 24.34 26.37 -11.94
N GLU A 88 25.52 26.80 -11.51
CA GLU A 88 25.92 26.59 -10.12
C GLU A 88 25.43 27.71 -9.22
N ARG A 89 24.90 28.78 -9.80
CA ARG A 89 24.42 29.90 -9.00
C ARG A 89 23.04 29.62 -8.43
N TYR A 90 22.15 29.06 -9.23
CA TYR A 90 20.80 28.72 -8.81
C TYR A 90 20.66 27.21 -8.66
N ALA A 91 19.48 26.77 -8.24
CA ALA A 91 19.25 25.36 -7.99
C ALA A 91 17.77 25.06 -8.20
N SER A 92 17.46 24.31 -9.25
CA SER A 92 16.09 24.01 -9.62
C SER A 92 15.66 22.66 -9.07
N TRP A 93 14.34 22.50 -8.89
CA TRP A 93 13.79 21.23 -8.41
C TRP A 93 12.35 21.11 -8.86
N ARG A 94 12.07 20.13 -9.71
CA ARG A 94 10.69 19.75 -9.98
C ARG A 94 10.11 19.08 -8.73
N ILE A 95 8.88 19.46 -8.37
CA ILE A 95 8.31 19.03 -7.11
C ILE A 95 7.81 17.60 -7.19
N ASN A 96 8.63 16.66 -6.70
CA ASN A 96 8.21 15.30 -6.45
C ASN A 96 8.07 15.10 -4.95
N THR A 97 7.53 13.95 -4.58
CA THR A 97 7.74 13.40 -3.25
C THR A 97 8.55 12.11 -3.33
N ARG A 98 9.01 11.74 -4.52
CA ARG A 98 9.59 10.45 -4.80
C ARG A 98 11.11 10.44 -4.72
N GLN A 99 11.71 11.57 -4.36
CA GLN A 99 13.17 11.62 -4.25
C GLN A 99 13.64 10.91 -3.00
N MET A 100 13.23 11.38 -1.82
CA MET A 100 13.64 10.78 -0.57
C MET A 100 12.71 9.62 -0.22
N VAL A 101 13.30 8.57 0.37
CA VAL A 101 12.57 7.33 0.59
C VAL A 101 11.73 7.42 1.86
N GLN A 102 12.28 8.06 2.91
CA GLN A 102 11.69 8.17 4.24
C GLN A 102 10.28 8.75 4.27
N LEU A 103 9.96 9.61 3.29
CA LEU A 103 8.59 10.07 3.10
C LEU A 103 7.83 9.25 2.07
N ARG A 104 8.55 8.66 1.11
CA ARG A 104 7.89 7.98 -0.01
C ARG A 104 7.16 6.73 0.46
N ARG A 105 7.73 6.00 1.42
CA ARG A 105 7.09 4.79 1.91
C ARG A 105 5.84 5.10 2.72
N LYS A 106 5.80 6.27 3.37
CA LYS A 106 4.60 6.66 4.11
C LYS A 106 3.46 7.03 3.17
N PHE A 107 3.76 7.63 2.02
CA PHE A 107 2.71 7.95 1.07
C PHE A 107 2.24 6.70 0.33
N GLU A 108 3.15 5.78 0.01
CA GLU A 108 2.78 4.59 -0.75
C GLU A 108 2.32 3.46 0.16
N LEU A 109 1.41 3.80 1.07
CA LEU A 109 0.52 2.86 1.71
C LEU A 109 -0.92 3.06 1.25
N PHE A 110 -1.22 4.21 0.69
CA PHE A 110 -2.56 4.58 0.23
C PHE A 110 -2.49 4.92 -1.25
N THR A 111 -3.56 4.62 -1.98
CA THR A 111 -3.55 4.85 -3.41
C THR A 111 -3.75 6.33 -3.72
N TYR A 112 -4.77 6.95 -3.14
CA TYR A 112 -5.05 8.36 -3.34
C TYR A 112 -4.89 9.12 -2.03
N LEU A 113 -4.67 10.43 -2.14
CA LEU A 113 -4.51 11.29 -0.99
C LEU A 113 -5.10 12.66 -1.32
N ARG A 114 -5.32 13.46 -0.27
CA ARG A 114 -5.79 14.83 -0.43
C ARG A 114 -5.41 15.59 0.84
N PHE A 115 -4.49 16.53 0.73
CA PHE A 115 -4.03 17.22 1.93
C PHE A 115 -3.62 18.65 1.60
N ASP A 116 -3.53 19.45 2.66
CA ASP A 116 -2.91 20.76 2.63
C ASP A 116 -1.53 20.67 3.27
N MET A 117 -0.59 21.46 2.79
CA MET A 117 0.81 21.25 3.12
C MET A 117 1.43 22.46 3.79
N GLU A 118 2.55 22.22 4.47
CA GLU A 118 3.31 23.26 5.16
C GLU A 118 4.78 23.09 4.78
N ILE A 119 5.24 23.91 3.86
CA ILE A 119 6.60 23.79 3.35
C ILE A 119 7.53 24.67 4.17
N THR A 120 8.71 24.13 4.49
CA THR A 120 9.71 24.80 5.29
C THR A 120 11.10 24.51 4.73
N PHE A 121 12.03 25.44 4.95
CA PHE A 121 13.36 25.35 4.36
C PHE A 121 14.40 25.72 5.41
N VAL A 122 15.33 24.81 5.69
CA VAL A 122 16.48 25.17 6.51
C VAL A 122 17.69 25.44 5.61
N ILE A 123 17.82 26.69 5.19
CA ILE A 123 18.87 27.10 4.27
C ILE A 123 20.12 27.42 5.08
N THR A 124 21.15 26.62 4.94
CA THR A 124 22.43 26.88 5.58
C THR A 124 23.52 27.02 4.52
N SER A 125 24.59 27.73 4.88
CA SER A 125 25.66 28.06 3.95
C SER A 125 27.01 27.86 4.62
N THR A 126 28.01 27.57 3.80
CA THR A 126 29.39 27.43 4.22
C THR A 126 30.25 28.47 3.51
N GLN A 127 31.56 28.36 3.68
CA GLN A 127 32.52 29.17 2.96
C GLN A 127 33.39 28.26 2.10
N ASP A 128 33.54 28.62 0.84
CA ASP A 128 34.33 27.80 -0.07
C ASP A 128 35.82 28.06 0.11
N PRO A 129 36.66 27.05 -0.03
CA PRO A 129 38.10 27.20 0.22
C PRO A 129 38.77 27.95 -0.92
N GLY A 130 40.08 28.13 -0.78
CA GLY A 130 40.86 28.84 -1.77
C GLY A 130 41.42 30.15 -1.25
N THR A 131 41.44 31.16 -2.12
CA THR A 131 41.96 32.48 -1.78
C THR A 131 40.87 33.54 -1.92
N GLN A 132 41.27 34.82 -1.84
CA GLN A 132 40.43 36.02 -1.99
C GLN A 132 39.17 35.99 -1.13
N LEU A 133 39.29 35.33 0.04
CA LEU A 133 38.13 35.14 0.94
C LEU A 133 37.59 36.48 1.45
N ALA A 134 36.45 36.45 2.15
CA ALA A 134 35.77 37.69 2.56
C ALA A 134 36.54 38.55 3.56
N GLN A 135 37.23 37.96 4.54
CA GLN A 135 37.85 38.74 5.65
C GLN A 135 36.71 39.17 6.58
N ASP A 136 35.67 39.85 6.06
CA ASP A 136 34.47 40.19 6.87
C ASP A 136 33.27 40.01 5.95
N MET A 137 32.09 39.64 6.48
CA MET A 137 30.96 39.36 5.56
C MET A 137 29.59 39.70 6.19
N PRO A 138 28.78 40.65 5.64
CA PRO A 138 27.41 40.85 6.14
C PRO A 138 26.56 39.61 5.91
N VAL A 139 25.34 39.66 6.45
CA VAL A 139 24.42 38.54 6.29
C VAL A 139 23.95 38.49 4.84
N LEU A 140 23.71 37.28 4.35
CA LEU A 140 23.36 37.06 2.96
C LEU A 140 21.98 36.44 2.89
N THR A 141 21.12 37.03 2.07
CA THR A 141 19.72 36.62 2.02
C THR A 141 19.46 35.72 0.81
N HIS A 142 18.48 34.83 0.96
CA HIS A 142 18.13 33.86 -0.06
C HIS A 142 16.73 34.15 -0.56
N GLN A 143 16.46 33.79 -1.82
CA GLN A 143 15.15 33.99 -2.43
C GLN A 143 14.65 32.65 -2.97
N ILE A 144 13.46 32.25 -2.52
CA ILE A 144 12.83 31.00 -2.95
C ILE A 144 11.61 31.35 -3.78
N MET A 145 11.61 30.94 -5.04
CA MET A 145 10.53 31.26 -5.97
C MET A 145 9.83 29.99 -6.42
N TYR A 146 8.51 29.96 -6.29
CA TYR A 146 7.73 28.91 -6.90
C TYR A 146 7.42 29.25 -8.35
N ILE A 147 7.51 28.26 -9.23
CA ILE A 147 7.13 28.42 -10.62
C ILE A 147 5.93 27.53 -10.88
N PRO A 148 4.82 28.07 -11.38
CA PRO A 148 3.66 27.22 -11.67
C PRO A 148 3.90 26.40 -12.93
N PRO A 149 3.10 25.36 -13.16
CA PRO A 149 3.22 24.62 -14.43
C PRO A 149 2.82 25.48 -15.62
N GLY A 150 3.81 25.75 -16.48
CA GLY A 150 3.59 26.59 -17.64
C GLY A 150 4.04 28.01 -17.49
N GLY A 151 5.02 28.28 -16.62
CA GLY A 151 5.55 29.62 -16.46
C GLY A 151 6.93 29.74 -17.04
N PRO A 152 7.42 30.98 -17.18
CA PRO A 152 8.79 31.18 -17.67
C PRO A 152 9.79 30.97 -16.54
N VAL A 153 10.82 30.19 -16.83
CA VAL A 153 11.84 29.89 -15.83
C VAL A 153 13.06 30.77 -16.09
N PRO A 154 13.82 31.12 -15.07
CA PRO A 154 15.07 31.87 -15.32
C PRO A 154 16.17 30.98 -15.86
N ASN A 155 16.90 31.47 -16.86
CA ASN A 155 18.03 30.72 -17.40
C ASN A 155 19.17 30.70 -16.39
N SER A 156 19.47 31.83 -15.77
CA SER A 156 20.54 31.93 -14.79
C SER A 156 20.13 32.92 -13.71
N ALA A 157 21.08 33.22 -12.83
CA ALA A 157 20.90 34.31 -11.89
C ALA A 157 21.00 35.65 -12.60
N THR A 158 20.66 36.72 -11.86
CA THR A 158 20.40 38.10 -12.33
C THR A 158 19.65 38.16 -13.67
N ASP A 159 18.65 37.31 -13.85
CA ASP A 159 17.88 37.30 -15.08
C ASP A 159 16.79 38.35 -15.04
N PHE A 160 16.12 38.51 -16.19
CA PHE A 160 14.98 39.43 -16.26
C PHE A 160 13.78 38.88 -15.52
N ALA A 161 13.67 37.56 -15.41
CA ALA A 161 12.45 36.94 -14.91
C ALA A 161 12.44 36.73 -13.40
N TRP A 162 13.39 37.33 -12.68
CA TRP A 162 13.42 37.15 -11.23
C TRP A 162 12.58 38.18 -10.49
N GLN A 163 11.73 38.93 -11.19
CA GLN A 163 10.88 39.92 -10.52
C GLN A 163 9.79 39.24 -9.71
N SER A 164 9.18 38.19 -10.27
CA SER A 164 8.11 37.38 -9.65
C SER A 164 6.92 38.24 -9.24
N SER A 165 6.27 38.83 -10.24
CA SER A 165 5.05 39.59 -9.96
C SER A 165 3.89 38.67 -9.60
N THR A 166 3.73 37.57 -10.33
CA THR A 166 2.63 36.66 -10.04
C THR A 166 3.08 35.53 -9.12
N ASN A 167 4.33 35.11 -9.25
CA ASN A 167 4.86 33.97 -8.52
C ASN A 167 5.02 34.30 -7.03
N PRO A 168 4.77 33.33 -6.16
CA PRO A 168 4.88 33.60 -4.72
C PRO A 168 6.28 33.46 -4.16
N SER A 169 7.17 34.39 -4.50
CA SER A 169 8.53 34.36 -3.98
C SER A 169 8.55 34.68 -2.50
N ILE A 170 9.64 34.30 -1.84
CA ILE A 170 9.83 34.58 -0.41
C ILE A 170 11.31 34.81 -0.15
N PHE A 171 11.61 35.93 0.50
CA PHE A 171 12.98 36.34 0.80
C PHE A 171 13.29 36.02 2.24
N TRP A 172 14.40 35.32 2.49
CA TRP A 172 14.75 34.85 3.81
C TRP A 172 16.17 35.26 4.17
N THR A 173 16.35 35.76 5.39
CA THR A 173 17.63 36.23 5.88
C THR A 173 18.24 35.15 6.78
N GLU A 174 19.55 35.04 6.77
CA GLU A 174 20.20 34.04 7.61
C GLU A 174 20.20 34.48 9.07
N GLY A 175 20.27 33.49 9.96
CA GLY A 175 20.21 33.75 11.38
C GLY A 175 18.82 33.91 11.95
N CYS A 176 17.79 33.61 11.17
CA CYS A 176 16.41 33.75 11.62
C CYS A 176 15.77 32.38 11.71
N ALA A 177 14.46 32.38 11.97
CA ALA A 177 13.70 31.15 11.92
C ALA A 177 13.59 30.66 10.48
N PRO A 178 13.46 29.36 10.25
CA PRO A 178 13.29 28.87 8.88
C PRO A 178 11.98 29.34 8.26
N ALA A 179 12.04 29.66 6.97
CA ALA A 179 10.90 30.23 6.27
C ALA A 179 9.80 29.19 6.09
N ARG A 180 8.55 29.66 6.15
CA ARG A 180 7.40 28.77 6.20
C ARG A 180 6.29 29.32 5.33
N MET A 181 5.56 28.43 4.65
CA MET A 181 4.39 28.81 3.89
C MET A 181 3.41 27.65 3.89
N SER A 182 2.15 27.96 3.61
CA SER A 182 1.11 26.94 3.47
C SER A 182 0.60 26.94 2.03
N VAL A 183 0.40 25.74 1.49
CA VAL A 183 -0.19 25.59 0.17
C VAL A 183 -1.41 24.69 0.27
N PRO A 184 -2.48 24.98 -0.46
CA PRO A 184 -3.69 24.15 -0.37
C PRO A 184 -3.61 22.91 -1.24
N PHE A 185 -4.71 22.18 -1.33
CA PHE A 185 -4.81 21.03 -2.22
C PHE A 185 -4.85 21.55 -3.66
N ILE A 186 -3.70 21.52 -4.32
CA ILE A 186 -3.56 22.11 -5.65
C ILE A 186 -3.32 20.98 -6.65
N SER A 187 -4.36 20.66 -7.41
CA SER A 187 -4.29 19.75 -8.54
C SER A 187 -5.52 19.99 -9.40
N ILE A 188 -5.45 19.48 -10.63
CA ILE A 188 -6.63 19.50 -11.48
C ILE A 188 -7.58 18.36 -11.11
N GLY A 189 -7.04 17.24 -10.65
CA GLY A 189 -7.87 16.12 -10.25
C GLY A 189 -8.47 16.31 -8.87
N ASN A 190 -9.16 15.27 -8.41
CA ASN A 190 -9.79 15.29 -7.10
C ASN A 190 -8.92 14.67 -6.02
N ALA A 191 -7.78 14.08 -6.37
CA ALA A 191 -6.92 13.45 -5.38
C ALA A 191 -5.52 13.34 -5.95
N TYR A 192 -4.51 13.51 -5.09
CA TYR A 192 -3.14 13.27 -5.48
C TYR A 192 -2.92 11.77 -5.65
N SER A 193 -3.05 11.27 -6.88
CA SER A 193 -2.92 9.84 -7.10
C SER A 193 -1.46 9.42 -7.02
N ASN A 194 -1.16 8.50 -6.11
CA ASN A 194 0.19 7.97 -5.95
C ASN A 194 0.51 6.85 -6.93
N PHE A 195 -0.48 6.32 -7.62
CA PHE A 195 -0.26 5.24 -8.58
C PHE A 195 -1.22 5.43 -9.73
N TYR A 196 -0.68 5.49 -10.95
CA TYR A 196 -1.49 5.71 -12.16
C TYR A 196 -1.15 4.61 -13.16
N ASP A 197 -1.88 3.50 -13.09
CA ASP A 197 -1.68 2.37 -14.00
C ASP A 197 -2.28 2.71 -15.36
N GLY A 198 -1.54 3.49 -16.13
CA GLY A 198 -2.02 3.94 -17.42
C GLY A 198 -0.99 4.78 -18.13
N TRP A 199 -1.11 4.82 -19.45
CA TRP A 199 -0.17 5.54 -20.29
C TRP A 199 -0.59 7.00 -20.42
N SER A 200 0.22 7.78 -21.13
CA SER A 200 -0.14 9.17 -21.37
C SER A 200 -1.05 9.30 -22.58
N HIS A 201 -0.60 8.80 -23.73
CA HIS A 201 -1.36 8.97 -24.95
C HIS A 201 -2.41 7.87 -25.11
N PHE A 202 -3.47 8.19 -25.85
CA PHE A 202 -4.57 7.26 -26.05
C PHE A 202 -4.20 6.09 -26.96
N THR A 203 -3.11 6.21 -27.71
CA THR A 203 -2.58 5.12 -28.50
C THR A 203 -1.53 4.29 -27.76
N GLN A 204 -1.47 4.43 -26.43
CA GLN A 204 -0.62 3.63 -25.54
C GLN A 204 0.87 3.81 -25.83
N GLU A 205 1.32 5.05 -25.98
CA GLU A 205 2.73 5.36 -25.94
C GLU A 205 2.98 6.53 -25.00
N GLY A 206 4.24 6.92 -24.89
CA GLY A 206 4.65 7.91 -23.93
C GLY A 206 5.13 7.26 -22.64
N VAL A 207 5.16 8.07 -21.58
CA VAL A 207 5.60 7.56 -20.29
C VAL A 207 4.49 6.72 -19.67
N TYR A 208 4.90 5.85 -18.74
CA TYR A 208 3.99 4.95 -18.05
C TYR A 208 4.22 5.06 -16.55
N GLY A 209 3.13 5.14 -15.79
CA GLY A 209 3.25 5.16 -14.35
C GLY A 209 2.71 6.42 -13.72
N PHE A 210 3.24 6.78 -12.55
CA PHE A 210 2.78 7.98 -11.86
C PHE A 210 3.31 9.26 -12.48
N ASN A 211 4.21 9.18 -13.45
CA ASN A 211 4.85 10.36 -14.00
C ASN A 211 4.05 10.97 -15.14
N SER A 212 2.75 11.14 -14.92
CA SER A 212 1.90 11.89 -15.83
C SER A 212 0.96 12.86 -15.13
N LEU A 213 0.62 12.63 -13.86
CA LEU A 213 -0.22 13.53 -13.10
C LEU A 213 0.58 14.30 -12.05
N ASN A 214 1.90 14.17 -12.06
CA ASN A 214 2.77 14.97 -11.21
C ASN A 214 3.21 16.16 -12.05
N ASN A 215 2.33 17.16 -12.12
CA ASN A 215 2.60 18.40 -12.83
C ASN A 215 2.44 19.51 -11.78
N MET A 216 3.52 19.74 -11.01
CA MET A 216 3.41 20.72 -9.91
C MET A 216 4.47 21.80 -10.07
N GLY A 217 5.12 21.86 -11.23
CA GLY A 217 6.06 22.98 -11.44
C GLY A 217 7.34 22.82 -10.67
N HIS A 218 8.08 23.91 -10.46
CA HIS A 218 9.41 23.78 -9.83
C HIS A 218 9.67 24.85 -8.78
N ILE A 219 10.57 24.58 -7.83
CA ILE A 219 10.99 25.62 -6.85
C ILE A 219 12.41 25.99 -7.26
N TYR A 220 12.64 27.24 -7.69
CA TYR A 220 13.98 27.67 -8.16
C TYR A 220 14.54 28.61 -7.11
N VAL A 221 15.68 28.27 -6.51
CA VAL A 221 16.21 29.11 -5.41
C VAL A 221 17.48 29.79 -5.88
N ARG A 222 17.76 31.00 -5.39
CA ARG A 222 18.95 31.76 -5.77
C ARG A 222 19.38 32.65 -4.62
N HIS A 223 20.63 33.10 -4.70
CA HIS A 223 21.12 34.19 -3.86
C HIS A 223 20.75 35.53 -4.47
N VAL A 224 20.62 36.54 -3.62
CA VAL A 224 20.32 37.88 -4.11
C VAL A 224 21.35 38.88 -3.61
N ASN A 225 22.59 38.42 -3.43
CA ASN A 225 23.72 39.29 -3.17
C ASN A 225 24.80 39.02 -4.21
N GLU A 226 25.51 40.07 -4.60
CA GLU A 226 26.49 39.94 -5.68
C GLU A 226 27.75 39.20 -5.22
N GLN A 227 28.15 39.39 -3.95
CA GLN A 227 29.35 38.78 -3.37
C GLN A 227 30.59 39.11 -4.18
N SER A 228 30.96 40.39 -4.17
CA SER A 228 32.07 40.93 -4.97
C SER A 228 33.41 40.28 -4.65
N LEU A 229 33.63 39.89 -3.39
CA LEU A 229 34.94 39.36 -3.02
C LEU A 229 34.98 37.84 -3.10
N GLY A 230 34.12 37.16 -2.33
CA GLY A 230 34.33 35.74 -2.11
C GLY A 230 33.44 34.79 -2.89
N VAL A 231 33.58 33.49 -2.59
CA VAL A 231 32.78 32.42 -3.18
C VAL A 231 32.23 31.60 -2.02
N SER A 232 30.93 31.32 -2.02
CA SER A 232 30.32 30.61 -0.90
C SER A 232 29.09 29.85 -1.40
N THR A 233 29.05 28.55 -1.13
CA THR A 233 27.87 27.75 -1.45
C THR A 233 26.81 27.85 -0.36
N SER A 234 25.66 27.27 -0.64
CA SER A 234 24.56 27.14 0.30
C SER A 234 23.75 25.91 -0.08
N THR A 235 23.15 25.28 0.92
CA THR A 235 22.36 24.07 0.71
C THR A 235 20.92 24.32 1.13
N LEU A 236 19.98 23.81 0.33
CA LEU A 236 18.56 23.97 0.57
C LEU A 236 17.97 22.62 0.94
N ARG A 237 17.18 22.59 2.01
CA ARG A 237 16.56 21.35 2.49
C ARG A 237 15.06 21.59 2.63
N VAL A 238 14.29 21.06 1.69
CA VAL A 238 12.85 21.26 1.64
C VAL A 238 12.17 20.23 2.52
N TYR A 239 11.16 20.67 3.27
CA TYR A 239 10.43 19.79 4.18
C TYR A 239 8.94 19.90 3.90
N PHE A 240 8.28 18.75 3.76
CA PHE A 240 6.85 18.68 3.50
C PHE A 240 6.15 18.11 4.73
N LYS A 241 5.17 18.85 5.25
CA LYS A 241 4.36 18.39 6.38
C LYS A 241 2.89 18.49 5.99
N PRO A 242 2.31 17.43 5.45
CA PRO A 242 0.91 17.49 5.01
C PRO A 242 -0.06 17.43 6.19
N LYS A 243 -1.03 18.33 6.19
CA LYS A 243 -2.09 18.36 7.19
C LYS A 243 -3.45 18.28 6.49
N HIS A 244 -4.50 18.10 7.31
CA HIS A 244 -5.87 17.84 6.87
C HIS A 244 -5.94 16.64 5.93
N VAL A 245 -5.16 15.61 6.26
CA VAL A 245 -4.92 14.52 5.31
C VAL A 245 -6.12 13.59 5.26
N ARG A 246 -6.52 13.21 4.05
CA ARG A 246 -7.45 12.11 3.84
C ARG A 246 -6.77 11.08 2.94
N ALA A 247 -6.96 9.81 3.26
CA ALA A 247 -6.26 8.73 2.59
C ALA A 247 -7.26 7.68 2.13
N TRP A 248 -7.25 7.37 0.84
CA TRP A 248 -8.18 6.42 0.25
C TRP A 248 -7.42 5.19 -0.25
N VAL A 249 -8.12 4.05 -0.19
CA VAL A 249 -7.74 2.76 -0.78
C VAL A 249 -6.34 2.33 -0.31
N PRO A 250 -6.20 1.81 0.91
CA PRO A 250 -4.89 1.37 1.39
C PRO A 250 -4.32 0.23 0.57
N ARG A 251 -2.99 0.07 0.66
CA ARG A 251 -2.26 -0.86 -0.20
C ARG A 251 -0.95 -1.20 0.51
N PRO A 252 -0.36 -2.37 0.22
CA PRO A 252 0.74 -2.90 1.05
C PRO A 252 2.00 -2.07 0.94
N PRO A 253 2.90 -2.17 1.93
CA PRO A 253 4.18 -1.46 1.85
C PRO A 253 5.12 -2.11 0.84
N ARG A 254 6.06 -1.32 0.34
CA ARG A 254 7.00 -1.79 -0.66
C ARG A 254 8.07 -2.65 0.01
N LEU A 255 8.11 -3.93 -0.36
CA LEU A 255 9.09 -4.85 0.22
C LEU A 255 10.48 -4.60 -0.38
N SER A 256 10.55 -4.48 -1.70
CA SER A 256 11.81 -4.27 -2.38
C SER A 256 12.32 -2.85 -2.14
N PRO A 257 13.63 -2.62 -2.23
CA PRO A 257 14.15 -1.25 -2.14
C PRO A 257 13.84 -0.46 -3.39
N TYR A 258 13.81 0.87 -3.22
CA TYR A 258 13.55 1.79 -4.32
C TYR A 258 14.81 1.99 -5.14
N VAL A 259 14.64 2.11 -6.46
CA VAL A 259 15.77 2.27 -7.36
C VAL A 259 15.59 3.46 -8.28
N LYS A 260 14.36 3.95 -8.43
CA LYS A 260 14.11 5.01 -9.39
C LYS A 260 13.07 5.98 -8.85
N SER A 261 12.98 7.14 -9.49
CA SER A 261 11.97 8.15 -9.20
C SER A 261 11.09 8.41 -10.41
N SER A 262 10.99 7.44 -11.30
CA SER A 262 10.14 7.55 -12.49
C SER A 262 9.08 6.48 -12.59
N ASN A 263 9.34 5.29 -12.06
CA ASN A 263 8.39 4.19 -12.10
C ASN A 263 8.58 3.32 -10.87
N VAL A 264 8.07 2.08 -10.94
CA VAL A 264 8.01 1.21 -9.78
C VAL A 264 8.96 0.05 -10.12
N ASN A 265 10.08 0.38 -10.75
CA ASN A 265 11.13 -0.61 -10.97
C ASN A 265 11.68 -1.13 -9.66
N PHE A 266 12.14 -2.38 -9.69
CA PHE A 266 12.56 -3.09 -8.50
C PHE A 266 13.27 -4.36 -8.92
N LYS A 267 14.06 -4.90 -7.99
CA LYS A 267 14.72 -6.19 -8.11
C LYS A 267 14.02 -7.21 -7.22
N PRO A 268 13.88 -8.46 -7.68
CA PRO A 268 13.10 -9.44 -6.91
C PRO A 268 13.78 -9.89 -5.63
N THR A 269 13.25 -9.43 -4.49
CA THR A 269 13.84 -9.70 -3.20
C THR A 269 13.09 -10.82 -2.49
N ALA A 270 13.75 -11.35 -1.45
CA ALA A 270 13.15 -12.39 -0.61
C ALA A 270 11.98 -11.82 0.20
N VAL A 271 11.18 -12.72 0.75
CA VAL A 271 10.02 -12.30 1.53
C VAL A 271 10.46 -11.78 2.88
N THR A 272 11.04 -12.65 3.70
CA THR A 272 11.60 -12.23 4.99
C THR A 272 13.03 -12.74 5.13
N THR A 273 13.59 -12.59 6.33
CA THR A 273 14.88 -13.19 6.63
C THR A 273 14.71 -14.67 7.00
N GLU A 274 15.82 -15.38 7.05
CA GLU A 274 15.81 -16.81 7.27
C GLU A 274 16.08 -17.12 8.75
N ARG A 275 15.29 -18.05 9.30
CA ARG A 275 15.57 -18.62 10.59
C ARG A 275 16.05 -20.06 10.40
N LYS A 276 16.24 -20.77 11.50
CA LYS A 276 16.94 -22.05 11.45
C LYS A 276 16.06 -23.15 10.87
N ASP A 277 14.94 -23.44 11.52
CA ASP A 277 14.07 -24.53 11.12
C ASP A 277 12.63 -24.04 11.09
N ILE A 278 11.70 -24.96 10.83
CA ILE A 278 10.28 -24.62 10.85
C ILE A 278 9.82 -24.33 12.28
N ASN A 279 10.37 -25.04 13.27
CA ASN A 279 9.98 -24.90 14.66
C ASN A 279 11.10 -24.29 15.49
N ASP A 280 11.81 -23.31 14.93
CA ASP A 280 12.86 -22.62 15.67
C ASP A 280 12.25 -21.57 16.58
N VAL A 281 12.48 -21.72 17.89
CA VAL A 281 11.99 -20.73 18.85
C VAL A 281 13.05 -19.71 19.22
N GLY A 282 14.13 -19.63 18.46
CA GLY A 282 15.15 -18.63 18.77
C GLY A 282 16.14 -19.17 19.79
N THR A 283 16.20 -18.51 20.95
CA THR A 283 17.11 -18.86 22.02
C THR A 283 16.30 -19.36 23.22
N LEU A 284 16.79 -20.41 23.86
CA LEU A 284 16.12 -20.94 25.05
C LEU A 284 16.70 -20.35 26.33
N ARG A 285 17.98 -19.99 26.32
CA ARG A 285 18.66 -19.33 27.42
C ARG A 285 19.34 -18.10 26.85
N PRO A 286 19.94 -17.18 27.67
CA PRO A 286 20.68 -16.06 27.07
C PRO A 286 21.92 -16.44 26.28
N VAL A 287 22.58 -15.44 25.70
CA VAL A 287 23.59 -15.62 24.68
C VAL A 287 24.91 -16.06 25.32
N GLY A 288 24.99 -16.00 26.64
CA GLY A 288 26.18 -16.41 27.37
C GLY A 288 26.37 -17.92 27.38
N TYR A 289 27.29 -18.35 28.26
CA TYR A 289 27.80 -19.73 28.36
C TYR A 289 28.33 -20.26 27.03
N GLY B 1 -14.50 31.96 16.77
CA GLY B 1 -13.73 32.88 17.58
C GLY B 1 -13.85 32.60 19.08
N ALA B 2 -12.72 32.76 19.78
CA ALA B 2 -12.58 32.53 21.22
C ALA B 2 -13.04 31.13 21.63
N GLN B 3 -12.57 30.14 20.89
CA GLN B 3 -12.98 28.76 21.14
C GLN B 3 -12.22 28.18 22.32
N VAL B 4 -12.88 27.27 23.04
CA VAL B 4 -12.26 26.49 24.12
C VAL B 4 -12.60 25.03 23.87
N SER B 5 -11.62 24.15 24.10
CA SER B 5 -11.78 22.73 23.84
C SER B 5 -10.97 21.97 24.88
N THR B 6 -10.77 20.67 24.64
CA THR B 6 -10.01 19.82 25.54
C THR B 6 -8.76 19.30 24.82
N GLN B 7 -7.77 18.91 25.62
CA GLN B 7 -6.56 18.27 25.14
C GLN B 7 -6.44 16.88 25.75
N LYS B 8 -5.52 16.09 25.19
CA LYS B 8 -5.32 14.70 25.60
C LYS B 8 -4.36 14.67 26.78
N THR B 9 -4.89 14.41 27.96
CA THR B 9 -4.09 14.37 29.19
C THR B 9 -3.19 13.14 29.23
N THR B 23 -10.60 23.17 33.92
CA THR B 23 -9.50 22.22 33.80
C THR B 23 -8.54 22.63 32.68
N ILE B 24 -7.86 21.64 32.10
CA ILE B 24 -6.90 21.89 31.04
C ILE B 24 -7.66 22.13 29.73
N HIS B 25 -7.28 23.19 29.04
CA HIS B 25 -7.94 23.59 27.79
C HIS B 25 -6.90 24.24 26.89
N TYR B 26 -7.36 24.71 25.73
CA TYR B 26 -6.51 25.48 24.83
C TYR B 26 -7.39 26.38 23.97
N THR B 27 -6.97 27.64 23.82
CA THR B 27 -7.71 28.64 23.03
C THR B 27 -6.84 29.03 21.84
N ASN B 28 -7.10 28.42 20.69
CA ASN B 28 -6.40 28.74 19.47
C ASN B 28 -7.35 29.45 18.49
N ILE B 29 -6.86 30.52 17.89
CA ILE B 29 -7.64 31.33 16.98
C ILE B 29 -6.97 31.23 15.60
N ASN B 30 -7.79 31.32 14.55
CA ASN B 30 -7.28 31.39 13.19
C ASN B 30 -7.10 32.85 12.81
N TYR B 31 -5.86 33.24 12.53
CA TYR B 31 -5.53 34.62 12.22
C TYR B 31 -5.42 34.89 10.72
N TYR B 32 -5.83 33.94 9.88
CA TYR B 32 -5.61 34.06 8.46
C TYR B 32 -6.91 33.83 7.69
N LYS B 33 -6.93 34.36 6.47
CA LYS B 33 -8.12 34.34 5.63
C LYS B 33 -8.08 33.22 4.60
N ASP B 34 -7.51 32.07 4.95
CA ASP B 34 -7.45 30.93 4.06
C ASP B 34 -7.71 29.66 4.86
N ALA B 35 -8.46 28.73 4.27
CA ALA B 35 -8.83 27.52 4.99
C ALA B 35 -7.66 26.57 5.14
N ALA B 36 -6.67 26.66 4.24
CA ALA B 36 -5.50 25.81 4.28
C ALA B 36 -4.37 26.42 5.09
N SER B 37 -4.63 27.47 5.85
CA SER B 37 -3.63 28.11 6.68
C SER B 37 -3.84 27.83 8.16
N ASN B 38 -4.95 27.19 8.53
CA ASN B 38 -5.17 26.78 9.90
C ASN B 38 -4.24 25.64 10.28
N SER B 39 -4.16 25.36 11.57
CA SER B 39 -3.36 24.24 12.03
C SER B 39 -4.07 22.92 11.74
N ALA B 40 -3.36 21.83 12.01
CA ALA B 40 -3.97 20.51 11.88
C ALA B 40 -4.98 20.32 13.00
N ASN B 41 -6.04 19.57 12.71
CA ASN B 41 -7.15 19.44 13.65
C ASN B 41 -6.76 18.64 14.88
N ARG B 42 -6.41 17.36 14.70
CA ARG B 42 -5.87 16.46 15.73
C ARG B 42 -6.77 16.33 16.95
N GLN B 43 -8.08 16.34 16.77
CA GLN B 43 -9.02 16.19 17.88
C GLN B 43 -10.29 15.54 17.37
N ASP B 44 -10.86 14.66 18.19
CA ASP B 44 -12.04 13.88 17.82
C ASP B 44 -13.22 14.25 18.72
N PHE B 45 -14.40 14.31 18.11
CA PHE B 45 -15.66 14.65 18.79
C PHE B 45 -16.49 13.38 18.85
N THR B 46 -16.40 12.64 19.94
CA THR B 46 -17.15 11.40 20.10
C THR B 46 -18.49 11.67 20.78
N SER B 78 -32.26 -30.10 -7.12
CA SER B 78 -32.48 -30.85 -5.89
C SER B 78 -32.29 -29.96 -4.66
N ASP B 79 -31.30 -29.07 -4.74
CA ASP B 79 -30.97 -28.15 -3.66
C ASP B 79 -31.18 -26.72 -4.15
N ARG B 80 -31.16 -25.79 -3.19
CA ARG B 80 -31.42 -24.37 -3.48
C ARG B 80 -30.09 -23.64 -3.66
N VAL B 81 -29.98 -22.93 -4.77
CA VAL B 81 -28.81 -22.13 -5.11
C VAL B 81 -29.29 -20.77 -5.62
N ARG B 82 -28.64 -19.70 -5.17
CA ARG B 82 -28.99 -18.37 -5.67
C ARG B 82 -28.45 -18.20 -7.08
N SER B 83 -29.17 -17.39 -7.86
CA SER B 83 -28.87 -17.21 -9.28
C SER B 83 -28.91 -15.72 -9.61
N ILE B 84 -27.73 -15.11 -9.75
CA ILE B 84 -27.66 -13.72 -10.15
C ILE B 84 -28.01 -13.61 -11.62
N THR B 85 -29.10 -12.92 -11.93
CA THR B 85 -29.54 -12.69 -13.29
C THR B 85 -29.27 -11.23 -13.62
N LEU B 86 -28.21 -10.99 -14.38
CA LEU B 86 -27.80 -9.65 -14.78
C LEU B 86 -27.64 -9.61 -16.29
N GLY B 87 -28.36 -8.70 -16.94
CA GLY B 87 -28.42 -8.72 -18.39
C GLY B 87 -29.35 -9.84 -18.83
N ASN B 88 -28.81 -10.76 -19.62
CA ASN B 88 -29.55 -11.95 -20.04
C ASN B 88 -28.70 -13.21 -19.93
N SER B 89 -27.86 -13.28 -18.90
CA SER B 89 -27.00 -14.44 -18.67
C SER B 89 -26.85 -14.62 -17.16
N THR B 90 -27.29 -15.78 -16.66
CA THR B 90 -27.29 -16.03 -15.23
C THR B 90 -26.04 -16.81 -14.82
N ILE B 91 -25.89 -16.99 -13.51
CA ILE B 91 -24.91 -17.89 -12.93
C ILE B 91 -25.60 -18.65 -11.81
N THR B 92 -24.89 -19.64 -11.25
CA THR B 92 -25.35 -20.39 -10.09
C THR B 92 -24.15 -20.57 -9.15
N THR B 93 -24.16 -19.88 -8.02
CA THR B 93 -22.96 -19.90 -7.19
C THR B 93 -23.00 -20.95 -6.08
N GLN B 94 -23.86 -20.72 -5.08
CA GLN B 94 -24.07 -21.54 -3.89
C GLN B 94 -25.11 -20.83 -3.03
N GLU B 95 -25.73 -21.58 -2.12
CA GLU B 95 -26.55 -20.95 -1.10
C GLU B 95 -25.71 -20.43 0.05
N CYS B 96 -24.66 -21.16 0.42
CA CYS B 96 -23.86 -20.87 1.61
C CYS B 96 -22.73 -19.89 1.36
N ALA B 97 -22.42 -19.57 0.11
CA ALA B 97 -21.23 -18.79 -0.20
C ALA B 97 -21.46 -17.31 0.08
N ASN B 98 -20.43 -16.67 0.63
CA ASN B 98 -20.43 -15.23 0.81
C ASN B 98 -20.05 -14.55 -0.51
N VAL B 99 -20.59 -13.35 -0.73
CA VAL B 99 -20.23 -12.52 -1.86
C VAL B 99 -19.61 -11.23 -1.32
N VAL B 100 -18.39 -10.93 -1.74
CA VAL B 100 -17.68 -9.76 -1.23
C VAL B 100 -18.13 -8.54 -2.04
N VAL B 101 -18.75 -7.59 -1.35
CA VAL B 101 -19.27 -6.39 -2.03
C VAL B 101 -18.17 -5.34 -1.91
N GLY B 102 -17.23 -5.39 -2.88
CA GLY B 102 -16.19 -4.40 -3.14
C GLY B 102 -15.43 -3.82 -1.96
N TYR B 103 -15.29 -2.51 -1.94
CA TYR B 103 -14.85 -1.78 -0.75
C TYR B 103 -16.05 -1.31 0.07
N GLY B 104 -16.97 -2.22 0.36
CA GLY B 104 -18.16 -1.93 1.11
C GLY B 104 -19.34 -1.42 0.29
N VAL B 105 -19.08 -0.74 -0.82
CA VAL B 105 -20.11 -0.03 -1.56
C VAL B 105 -20.57 -0.90 -2.73
N TRP B 106 -21.86 -0.80 -3.06
CA TRP B 106 -22.43 -1.38 -4.25
C TRP B 106 -22.16 -0.48 -5.46
N PRO B 107 -21.96 -1.04 -6.65
CA PRO B 107 -21.75 -0.21 -7.83
C PRO B 107 -23.01 0.54 -8.22
N SER B 108 -22.89 1.86 -8.38
CA SER B 108 -24.02 2.72 -8.65
C SER B 108 -23.64 3.71 -9.75
N TYR B 109 -24.61 4.53 -10.15
CA TYR B 109 -24.39 5.49 -11.21
C TYR B 109 -23.64 6.70 -10.69
N LEU B 110 -23.26 7.58 -11.62
CA LEU B 110 -22.65 8.86 -11.29
C LEU B 110 -23.72 9.93 -11.41
N GLN B 111 -24.19 10.42 -10.26
CA GLN B 111 -25.33 11.31 -10.21
C GLN B 111 -24.95 12.71 -10.71
N ASP B 112 -25.96 13.59 -10.77
CA ASP B 112 -25.70 14.97 -11.17
C ASP B 112 -24.99 15.77 -10.10
N ASN B 113 -24.92 15.25 -8.87
CA ASN B 113 -24.26 15.96 -7.77
C ASN B 113 -22.75 16.01 -7.95
N GLU B 114 -22.16 15.06 -8.68
CA GLU B 114 -20.71 14.99 -8.81
C GLU B 114 -20.32 14.73 -10.25
N ALA B 115 -20.96 15.42 -11.19
CA ALA B 115 -20.62 15.32 -12.60
C ALA B 115 -19.92 16.59 -13.05
N THR B 116 -18.88 16.43 -13.88
CA THR B 116 -18.17 17.56 -14.46
C THR B 116 -18.23 17.55 -15.99
N ALA B 117 -19.10 16.75 -16.59
CA ALA B 117 -19.20 16.68 -18.03
C ALA B 117 -20.09 17.80 -18.57
N GLU B 118 -20.12 17.93 -19.89
CA GLU B 118 -20.93 18.95 -20.56
C GLU B 118 -22.29 18.41 -20.96
N ASP B 119 -22.31 17.35 -21.77
CA ASP B 119 -23.55 16.67 -22.14
C ASP B 119 -23.37 15.17 -21.94
N GLN B 120 -24.46 14.50 -21.55
CA GLN B 120 -24.41 13.11 -21.10
C GLN B 120 -25.33 12.25 -21.95
N PRO B 121 -24.79 11.61 -23.00
CA PRO B 121 -25.61 10.64 -23.76
C PRO B 121 -25.87 9.36 -23.00
N THR B 122 -26.65 8.47 -23.61
CA THR B 122 -27.33 7.39 -22.91
C THR B 122 -26.38 6.28 -22.52
N GLN B 123 -26.74 5.60 -21.44
CA GLN B 123 -26.07 4.40 -20.95
C GLN B 123 -27.01 3.21 -21.07
N PRO B 124 -26.56 2.07 -21.58
CA PRO B 124 -27.44 0.92 -21.73
C PRO B 124 -27.46 0.02 -20.50
N ASP B 125 -28.63 -0.57 -20.25
CA ASP B 125 -28.85 -1.40 -19.08
C ASP B 125 -28.95 -2.88 -19.43
N VAL B 126 -29.22 -3.22 -20.68
CA VAL B 126 -29.31 -4.60 -21.14
C VAL B 126 -28.17 -4.94 -22.09
N ALA B 127 -27.77 -3.98 -22.93
CA ALA B 127 -26.81 -4.24 -23.99
C ALA B 127 -25.41 -4.52 -23.45
N THR B 128 -24.98 -3.80 -22.40
CA THR B 128 -23.72 -4.10 -21.74
C THR B 128 -23.99 -4.32 -20.25
N CYS B 129 -24.52 -5.50 -19.94
CA CYS B 129 -24.54 -5.97 -18.56
C CYS B 129 -24.40 -7.50 -18.50
N ARG B 130 -24.16 -8.17 -19.62
CA ARG B 130 -24.19 -9.62 -19.62
C ARG B 130 -22.94 -10.19 -18.97
N PHE B 131 -23.06 -11.42 -18.50
CA PHE B 131 -21.93 -12.12 -17.89
C PHE B 131 -21.06 -12.64 -19.01
N TYR B 132 -20.11 -11.82 -19.44
CA TYR B 132 -19.18 -12.21 -20.49
C TYR B 132 -18.14 -13.17 -19.94
N THR B 133 -17.93 -14.28 -20.65
CA THR B 133 -16.98 -15.30 -20.23
C THR B 133 -15.70 -15.17 -21.05
N LEU B 134 -14.57 -15.08 -20.37
CA LEU B 134 -13.28 -14.96 -21.04
C LEU B 134 -12.71 -16.35 -21.30
N ASP B 135 -11.44 -16.41 -21.71
CA ASP B 135 -10.81 -17.68 -22.04
C ASP B 135 -10.48 -18.48 -20.78
N SER B 136 -10.48 -19.79 -20.94
CA SER B 136 -10.31 -20.71 -19.81
C SER B 136 -8.83 -21.04 -19.64
N ILE B 137 -8.23 -20.54 -18.59
CA ILE B 137 -6.87 -20.87 -18.22
C ILE B 137 -6.85 -22.24 -17.56
N GLN B 138 -5.74 -22.96 -17.72
CA GLN B 138 -5.65 -24.36 -17.35
C GLN B 138 -4.73 -24.51 -16.15
N TRP B 139 -5.24 -25.09 -15.07
CA TRP B 139 -4.49 -25.26 -13.83
C TRP B 139 -3.76 -26.59 -13.84
N GLN B 140 -2.45 -26.56 -13.64
CA GLN B 140 -1.59 -27.73 -13.54
C GLN B 140 -0.95 -27.75 -12.16
N LYS B 141 0.00 -28.67 -11.97
CA LYS B 141 0.69 -28.76 -10.69
C LYS B 141 1.58 -27.55 -10.44
N GLU B 142 2.57 -27.35 -11.31
CA GLU B 142 3.46 -26.20 -11.18
C GLU B 142 2.98 -25.06 -12.08
N SER B 143 1.85 -24.48 -11.69
CA SER B 143 1.30 -23.29 -12.32
C SER B 143 1.54 -22.13 -11.37
N ASP B 144 2.08 -21.04 -11.89
CA ASP B 144 2.56 -19.97 -11.04
C ASP B 144 1.45 -19.00 -10.68
N GLY B 145 0.77 -18.46 -11.67
CA GLY B 145 -0.30 -17.52 -11.43
C GLY B 145 -0.67 -16.84 -12.73
N TRP B 146 -1.77 -16.09 -12.68
CA TRP B 146 -2.31 -15.42 -13.86
C TRP B 146 -2.87 -14.06 -13.47
N TRP B 147 -2.82 -13.10 -14.39
CA TRP B 147 -3.43 -11.81 -14.14
C TRP B 147 -4.16 -11.32 -15.39
N TRP B 148 -4.96 -10.27 -15.20
CA TRP B 148 -5.73 -9.63 -16.25
C TRP B 148 -5.72 -8.12 -16.02
N LYS B 149 -6.23 -7.37 -16.99
CA LYS B 149 -6.33 -5.91 -16.90
C LYS B 149 -7.65 -5.55 -17.59
N PHE B 150 -8.72 -5.40 -16.80
CA PHE B 150 -10.07 -5.50 -17.35
C PHE B 150 -10.65 -4.37 -18.20
N PRO B 151 -10.33 -3.09 -18.01
CA PRO B 151 -10.75 -2.10 -19.01
C PRO B 151 -10.16 -2.32 -20.39
N GLU B 152 -9.01 -3.00 -20.49
CA GLU B 152 -8.46 -3.44 -21.75
C GLU B 152 -8.41 -4.97 -21.83
N ALA B 153 -9.46 -5.63 -21.34
CA ALA B 153 -9.64 -7.06 -21.54
C ALA B 153 -11.04 -7.42 -22.02
N LEU B 154 -11.93 -6.44 -22.16
CA LEU B 154 -13.27 -6.68 -22.71
C LEU B 154 -13.49 -5.93 -24.02
N LYS B 155 -12.42 -5.56 -24.72
CA LYS B 155 -12.54 -4.71 -25.91
C LYS B 155 -13.14 -5.44 -27.09
N ASN B 156 -13.19 -6.77 -27.07
CA ASN B 156 -13.75 -7.53 -28.17
C ASN B 156 -15.10 -8.14 -27.86
N MET B 157 -15.53 -8.16 -26.60
CA MET B 157 -16.68 -8.95 -26.18
C MET B 157 -17.93 -8.06 -26.16
N GLY B 158 -18.85 -8.32 -27.07
CA GLY B 158 -20.15 -7.68 -27.03
C GLY B 158 -20.10 -6.25 -27.51
N LEU B 159 -20.90 -5.39 -26.89
CA LEU B 159 -20.92 -3.97 -27.19
C LEU B 159 -20.11 -3.15 -26.20
N PHE B 160 -19.54 -3.80 -25.18
CA PHE B 160 -18.70 -3.07 -24.22
C PHE B 160 -17.42 -2.60 -24.88
N GLY B 161 -16.93 -3.34 -25.86
CA GLY B 161 -15.87 -2.87 -26.74
C GLY B 161 -16.39 -2.18 -27.98
N GLN B 162 -17.70 -1.90 -28.05
CA GLN B 162 -18.26 -1.13 -29.15
C GLN B 162 -18.91 0.16 -28.68
N ASN B 163 -18.96 0.41 -27.38
CA ASN B 163 -19.32 1.72 -26.84
C ASN B 163 -18.09 2.53 -26.46
N MET B 164 -17.13 1.90 -25.77
CA MET B 164 -15.92 2.59 -25.36
C MET B 164 -14.96 2.84 -26.52
N GLU B 165 -15.18 2.21 -27.67
CA GLU B 165 -14.37 2.52 -28.85
C GLU B 165 -14.77 3.83 -29.49
N TYR B 166 -15.94 4.36 -29.15
CA TYR B 166 -16.43 5.62 -29.71
C TYR B 166 -16.40 6.77 -28.72
N HIS B 167 -16.97 6.58 -27.53
CA HIS B 167 -17.04 7.64 -26.54
C HIS B 167 -15.68 7.89 -25.91
N TYR B 168 -15.49 9.13 -25.46
CA TYR B 168 -14.21 9.56 -24.91
C TYR B 168 -14.04 9.10 -23.46
N LEU B 169 -15.05 9.33 -22.64
CA LEU B 169 -14.98 8.99 -21.23
C LEU B 169 -15.59 7.60 -20.99
N GLY B 170 -15.54 7.16 -19.74
CA GLY B 170 -16.06 5.85 -19.40
C GLY B 170 -16.07 5.57 -17.91
N ARG B 171 -17.03 4.78 -17.46
CA ARG B 171 -17.20 4.49 -16.04
C ARG B 171 -18.04 3.23 -15.91
N SER B 172 -17.52 2.22 -15.22
CA SER B 172 -18.27 0.98 -15.06
C SER B 172 -17.78 0.23 -13.84
N GLY B 173 -18.71 -0.32 -13.07
CA GLY B 173 -18.37 -1.25 -12.02
C GLY B 173 -18.45 -2.69 -12.50
N TYR B 174 -17.70 -3.57 -11.85
CA TYR B 174 -17.53 -4.93 -12.34
C TYR B 174 -17.97 -5.94 -11.29
N THR B 175 -18.35 -7.12 -11.76
CA THR B 175 -18.97 -8.17 -10.96
C THR B 175 -18.32 -9.52 -11.26
N ILE B 176 -16.98 -9.57 -11.09
CA ILE B 176 -16.18 -10.74 -11.39
C ILE B 176 -16.66 -11.98 -10.66
N HIS B 177 -16.70 -13.10 -11.37
CA HIS B 177 -17.10 -14.39 -10.80
C HIS B 177 -16.21 -15.45 -11.43
N VAL B 178 -15.26 -15.98 -10.65
CA VAL B 178 -14.30 -16.96 -11.11
C VAL B 178 -14.63 -18.31 -10.50
N GLN B 179 -14.66 -19.34 -11.33
CA GLN B 179 -15.13 -20.66 -10.93
C GLN B 179 -14.19 -21.75 -11.42
N CYS B 180 -14.08 -22.82 -10.62
CA CYS B 180 -13.38 -24.04 -11.03
C CYS B 180 -14.15 -25.23 -10.47
N ASN B 181 -14.41 -26.21 -11.33
CA ASN B 181 -15.23 -27.35 -10.95
C ASN B 181 -14.45 -28.26 -10.00
N ALA B 182 -15.02 -28.53 -8.84
CA ALA B 182 -14.33 -29.19 -7.75
C ALA B 182 -14.64 -30.68 -7.71
N SER B 183 -13.86 -31.39 -6.88
CA SER B 183 -14.14 -32.77 -6.50
C SER B 183 -13.53 -33.00 -5.14
N LYS B 184 -13.92 -34.09 -4.50
CA LYS B 184 -13.50 -34.33 -3.12
C LYS B 184 -12.08 -34.84 -2.99
N PHE B 185 -11.43 -35.24 -4.09
CA PHE B 185 -10.08 -35.77 -4.05
C PHE B 185 -9.11 -34.93 -4.87
N HIS B 186 -9.28 -33.61 -4.82
CA HIS B 186 -8.54 -32.67 -5.66
C HIS B 186 -8.07 -31.48 -4.84
N GLN B 187 -7.35 -31.76 -3.75
CA GLN B 187 -6.89 -30.74 -2.81
C GLN B 187 -6.04 -29.67 -3.49
N GLY B 188 -6.08 -28.48 -2.93
CA GLY B 188 -5.44 -27.31 -3.50
C GLY B 188 -6.22 -26.06 -3.15
N CYS B 189 -5.54 -24.92 -3.27
CA CYS B 189 -6.12 -23.64 -2.88
C CYS B 189 -5.88 -22.61 -3.97
N LEU B 190 -6.53 -21.46 -3.79
CA LEU B 190 -6.46 -20.38 -4.75
C LEU B 190 -6.74 -19.06 -4.05
N LEU B 191 -6.15 -17.99 -4.55
CA LEU B 191 -6.42 -16.65 -4.07
C LEU B 191 -6.70 -15.75 -5.27
N VAL B 192 -7.83 -15.08 -5.26
CA VAL B 192 -8.11 -14.04 -6.24
C VAL B 192 -8.11 -12.71 -5.51
N VAL B 193 -7.72 -11.66 -6.23
CA VAL B 193 -7.62 -10.32 -5.66
C VAL B 193 -7.71 -9.29 -6.78
N CYS B 194 -8.55 -8.27 -6.60
CA CYS B 194 -8.69 -7.20 -7.58
C CYS B 194 -7.91 -6.00 -7.07
N VAL B 195 -6.61 -5.99 -7.36
CA VAL B 195 -5.77 -4.88 -6.92
C VAL B 195 -6.04 -3.67 -7.81
N PRO B 196 -6.36 -2.50 -7.24
CA PRO B 196 -6.55 -1.30 -8.06
C PRO B 196 -5.25 -0.53 -8.24
N GLU B 197 -5.04 -0.06 -9.47
CA GLU B 197 -3.85 0.68 -9.91
C GLU B 197 -2.58 -0.10 -9.63
N ALA B 198 -2.49 -1.26 -10.29
CA ALA B 198 -1.37 -2.19 -10.06
C ALA B 198 -0.25 -1.86 -11.02
N GLU B 199 0.47 -0.79 -10.69
CA GLU B 199 1.66 -0.40 -11.45
C GLU B 199 2.73 -1.48 -11.34
N MET B 200 3.12 -2.02 -12.48
CA MET B 200 4.03 -3.16 -12.53
C MET B 200 5.40 -2.70 -13.01
N GLY B 201 6.44 -3.17 -12.32
CA GLY B 201 7.78 -2.77 -12.67
C GLY B 201 8.35 -3.60 -13.82
N CYS B 202 9.24 -2.97 -14.58
CA CYS B 202 9.82 -3.63 -15.73
C CYS B 202 10.86 -4.66 -15.28
N SER B 203 11.23 -5.55 -16.21
CA SER B 203 12.18 -6.59 -15.89
C SER B 203 13.59 -6.02 -15.75
N ASP B 204 14.02 -5.23 -16.73
CA ASP B 204 15.30 -4.56 -16.68
C ASP B 204 15.10 -3.15 -16.15
N VAL B 205 15.99 -2.73 -15.24
CA VAL B 205 15.94 -1.39 -14.68
C VAL B 205 16.34 -0.38 -15.74
N GLU B 206 16.10 0.91 -15.45
CA GLU B 206 16.11 2.07 -16.35
C GLU B 206 15.48 1.79 -17.71
N ARG B 207 14.37 1.05 -17.71
CA ARG B 207 13.54 0.85 -18.89
C ARG B 207 12.09 1.13 -18.50
N GLU B 208 11.28 1.40 -19.52
CA GLU B 208 9.83 1.44 -19.32
C GLU B 208 9.27 0.05 -19.61
N VAL B 209 7.96 -0.07 -19.69
CA VAL B 209 7.31 -1.31 -20.06
C VAL B 209 6.62 -1.08 -21.40
N VAL B 210 6.29 -2.16 -22.08
CA VAL B 210 5.60 -2.09 -23.37
C VAL B 210 4.19 -2.63 -23.19
N ALA B 211 3.25 -2.04 -23.94
CA ALA B 211 1.83 -2.43 -23.84
C ALA B 211 1.57 -3.86 -24.27
N ALA B 212 2.41 -4.42 -25.15
CA ALA B 212 2.26 -5.82 -25.53
C ALA B 212 2.62 -6.76 -24.39
N SER B 213 3.51 -6.34 -23.48
CA SER B 213 3.94 -7.18 -22.37
C SER B 213 3.19 -6.92 -21.09
N LEU B 214 2.61 -5.73 -20.92
CA LEU B 214 1.85 -5.45 -19.71
C LEU B 214 0.52 -6.19 -19.71
N SER B 215 -0.28 -5.97 -20.74
CA SER B 215 -1.54 -6.68 -20.91
C SER B 215 -1.48 -7.61 -22.12
N SER B 216 -2.44 -8.51 -22.19
CA SER B 216 -2.65 -9.35 -23.36
C SER B 216 -4.07 -9.16 -23.88
N GLU B 217 -4.34 -9.74 -25.04
CA GLU B 217 -5.62 -9.50 -25.71
C GLU B 217 -6.71 -10.46 -25.21
N ASP B 218 -6.40 -11.75 -25.08
CA ASP B 218 -7.36 -12.75 -24.67
C ASP B 218 -6.77 -13.77 -23.69
N THR B 219 -5.51 -13.56 -23.31
CA THR B 219 -4.75 -14.59 -22.61
C THR B 219 -4.30 -13.96 -21.29
N ALA B 220 -3.99 -14.79 -20.30
CA ALA B 220 -3.52 -14.30 -19.01
C ALA B 220 -2.03 -14.56 -18.90
N LYS B 221 -1.28 -13.52 -18.55
CA LYS B 221 0.16 -13.63 -18.47
C LYS B 221 0.58 -14.42 -17.23
N SER B 222 1.56 -15.29 -17.41
CA SER B 222 1.98 -16.18 -16.33
C SER B 222 2.81 -15.43 -15.31
N PHE B 223 3.08 -16.03 -14.14
CA PHE B 223 3.80 -15.28 -13.07
C PHE B 223 5.06 -16.07 -12.74
N SER B 224 6.13 -15.92 -13.52
CA SER B 224 7.29 -16.84 -13.35
C SER B 224 7.67 -17.01 -11.89
N ARG B 225 7.76 -18.26 -11.42
CA ARG B 225 8.20 -18.55 -10.03
C ARG B 225 9.65 -18.12 -9.90
N THR B 226 10.27 -17.79 -11.03
CA THR B 226 11.67 -17.31 -11.01
C THR B 226 11.67 -15.85 -11.47
N GLU B 227 12.79 -15.36 -12.00
CA GLU B 227 12.87 -13.92 -12.39
C GLU B 227 13.00 -13.81 -13.92
N SER B 228 12.21 -12.95 -14.54
CA SER B 228 12.29 -12.73 -16.01
C SER B 228 13.59 -12.02 -16.37
N ASN B 229 14.19 -12.37 -17.51
CA ASN B 229 15.49 -11.76 -17.90
C ASN B 229 15.29 -10.74 -19.01
N GLY B 230 14.04 -10.37 -19.30
CA GLY B 230 13.74 -9.50 -20.47
C GLY B 230 14.33 -8.11 -20.44
N GLN B 231 14.45 -7.48 -21.61
CA GLN B 231 14.94 -6.11 -21.70
C GLN B 231 13.82 -5.08 -21.72
N HIS B 232 12.60 -5.49 -22.05
CA HIS B 232 11.46 -4.58 -22.04
C HIS B 232 10.22 -5.19 -21.43
N THR B 233 10.27 -6.44 -20.99
CA THR B 233 9.08 -7.14 -20.47
C THR B 233 8.82 -6.71 -19.03
N VAL B 234 7.92 -7.41 -18.36
CA VAL B 234 7.54 -7.07 -17.00
C VAL B 234 8.32 -7.95 -16.04
N GLN B 235 8.60 -7.43 -14.86
CA GLN B 235 9.23 -8.24 -13.80
C GLN B 235 8.13 -9.07 -13.17
N THR B 236 8.03 -10.31 -13.64
CA THR B 236 6.88 -11.17 -13.36
C THR B 236 7.22 -12.30 -12.39
N VAL B 237 7.97 -11.97 -11.33
CA VAL B 237 8.25 -12.94 -10.28
C VAL B 237 7.02 -13.09 -9.39
N VAL B 238 6.81 -14.28 -8.86
CA VAL B 238 5.56 -14.57 -8.16
C VAL B 238 5.60 -14.21 -6.67
N TYR B 239 6.78 -14.19 -6.03
CA TYR B 239 6.86 -13.79 -4.64
C TYR B 239 7.11 -12.30 -4.47
N ASN B 240 6.78 -11.49 -5.47
CA ASN B 240 6.69 -10.07 -5.30
C ASN B 240 5.48 -9.46 -5.99
N ALA B 241 4.65 -10.27 -6.66
CA ALA B 241 3.35 -9.89 -7.24
C ALA B 241 3.46 -8.76 -8.27
N GLY B 242 4.60 -8.63 -8.92
CA GLY B 242 4.76 -7.57 -9.91
C GLY B 242 5.02 -6.16 -9.41
N MET B 243 4.24 -5.71 -8.43
CA MET B 243 4.37 -4.34 -7.94
C MET B 243 5.56 -4.16 -7.01
N GLY B 244 6.20 -5.24 -6.57
CA GLY B 244 7.30 -5.16 -5.64
C GLY B 244 6.90 -5.38 -4.19
N VAL B 245 5.61 -5.48 -3.91
CA VAL B 245 5.17 -5.70 -2.54
C VAL B 245 5.24 -7.19 -2.20
N GLY B 246 5.12 -7.49 -0.91
CA GLY B 246 5.06 -8.89 -0.50
C GLY B 246 3.77 -9.53 -0.94
N VAL B 247 3.89 -10.72 -1.56
CA VAL B 247 2.72 -11.37 -2.14
C VAL B 247 1.78 -11.92 -1.08
N GLY B 248 2.24 -12.08 0.16
CA GLY B 248 1.33 -12.37 1.25
C GLY B 248 0.46 -11.18 1.60
N ASN B 249 0.95 -9.97 1.33
CA ASN B 249 0.20 -8.74 1.60
C ASN B 249 -0.63 -8.30 0.41
N LEU B 250 -1.40 -9.19 -0.17
CA LEU B 250 -2.38 -8.81 -1.19
C LEU B 250 -3.80 -8.95 -0.68
N THR B 251 -3.98 -8.94 0.63
CA THR B 251 -5.26 -9.27 1.24
C THR B 251 -6.02 -8.03 1.68
N ILE B 252 -5.41 -6.86 1.45
CA ILE B 252 -6.10 -5.57 1.74
C ILE B 252 -7.12 -5.41 0.62
N PHE B 253 -6.68 -5.57 -0.62
CA PHE B 253 -7.57 -5.37 -1.80
C PHE B 253 -8.69 -6.38 -1.72
N PRO B 254 -9.92 -6.11 -2.21
CA PRO B 254 -11.01 -7.04 -2.02
C PRO B 254 -10.50 -8.39 -2.53
N HIS B 255 -10.59 -9.44 -1.71
CA HIS B 255 -10.00 -10.74 -2.09
C HIS B 255 -10.97 -11.85 -1.71
N GLN B 256 -10.89 -13.00 -2.37
CA GLN B 256 -11.71 -14.16 -1.95
C GLN B 256 -10.89 -15.41 -2.21
N TRP B 257 -11.19 -16.50 -1.52
CA TRP B 257 -10.42 -17.74 -1.64
C TRP B 257 -11.27 -18.83 -2.28
N ILE B 258 -10.64 -19.62 -3.13
CA ILE B 258 -11.33 -20.65 -3.91
C ILE B 258 -10.75 -21.98 -3.45
N ASN B 259 -10.53 -22.10 -2.13
CA ASN B 259 -10.13 -23.36 -1.50
C ASN B 259 -11.02 -24.51 -1.95
N LEU B 260 -10.39 -25.52 -2.57
CA LEU B 260 -11.11 -26.61 -3.22
C LEU B 260 -11.86 -27.50 -2.25
N ARG B 261 -11.56 -27.39 -0.96
CA ARG B 261 -12.27 -28.16 0.05
C ARG B 261 -13.67 -27.61 0.29
N THR B 262 -13.76 -26.30 0.57
CA THR B 262 -14.99 -25.70 1.05
C THR B 262 -15.53 -24.60 0.14
N ASN B 263 -15.06 -24.52 -1.10
CA ASN B 263 -15.56 -23.51 -2.02
C ASN B 263 -15.38 -23.98 -3.45
N ASN B 264 -16.37 -23.70 -4.28
CA ASN B 264 -16.33 -24.04 -5.70
C ASN B 264 -15.99 -22.84 -6.58
N SER B 265 -16.47 -21.65 -6.21
CA SER B 265 -16.28 -20.45 -7.00
C SER B 265 -16.05 -19.26 -6.08
N ALA B 266 -15.93 -18.07 -6.68
CA ALA B 266 -15.72 -16.85 -5.93
C ALA B 266 -16.25 -15.68 -6.73
N THR B 267 -16.93 -14.76 -6.04
CA THR B 267 -17.55 -13.61 -6.73
C THR B 267 -17.18 -12.30 -6.02
N ILE B 268 -16.45 -11.43 -6.71
CA ILE B 268 -16.09 -10.11 -6.12
C ILE B 268 -16.86 -9.02 -6.86
N VAL B 269 -17.71 -8.25 -6.18
CA VAL B 269 -18.45 -7.13 -6.82
C VAL B 269 -17.63 -5.84 -6.67
N MET B 270 -16.59 -5.66 -7.48
CA MET B 270 -15.69 -4.48 -7.36
C MET B 270 -16.38 -3.19 -7.79
N PRO B 271 -16.20 -2.06 -7.08
CA PRO B 271 -16.74 -0.78 -7.51
C PRO B 271 -15.72 0.03 -8.33
N TYR B 272 -16.17 1.02 -9.09
CA TYR B 272 -15.30 1.88 -9.90
C TYR B 272 -14.49 2.78 -8.95
N ILE B 273 -13.18 2.58 -8.92
CA ILE B 273 -12.29 3.34 -8.07
C ILE B 273 -11.34 4.13 -8.94
N ASN B 274 -11.47 5.46 -8.91
CA ASN B 274 -10.56 6.35 -9.62
C ASN B 274 -10.65 7.72 -8.98
N SER B 275 -9.56 8.49 -9.08
CA SER B 275 -9.54 9.84 -8.54
C SER B 275 -10.45 10.76 -9.34
N VAL B 276 -10.17 10.90 -10.64
CA VAL B 276 -11.02 11.64 -11.56
C VAL B 276 -12.31 10.85 -11.72
N PRO B 277 -13.48 11.50 -11.87
CA PRO B 277 -14.71 10.71 -12.03
C PRO B 277 -14.81 9.98 -13.36
N MET B 278 -14.22 10.51 -14.43
CA MET B 278 -14.29 9.90 -15.74
C MET B 278 -12.92 9.91 -16.38
N ASP B 279 -12.48 8.77 -16.90
CA ASP B 279 -11.22 8.71 -17.65
C ASP B 279 -11.36 7.65 -18.74
N ASN B 280 -10.60 7.83 -19.81
CA ASN B 280 -10.68 6.93 -20.95
C ASN B 280 -10.15 5.55 -20.59
N MET B 281 -10.74 4.53 -21.20
CA MET B 281 -10.45 3.15 -20.84
C MET B 281 -9.33 2.53 -21.66
N PHE B 282 -8.82 3.24 -22.67
CA PHE B 282 -7.76 2.70 -23.50
C PHE B 282 -6.37 3.09 -23.06
N ARG B 283 -6.24 4.17 -22.27
CA ARG B 283 -4.97 4.56 -21.69
C ARG B 283 -5.00 4.52 -20.17
N HIS B 284 -5.90 3.74 -19.60
CA HIS B 284 -5.98 3.60 -18.15
C HIS B 284 -6.62 2.27 -17.81
N TYR B 285 -5.99 1.54 -16.89
CA TYR B 285 -6.52 0.31 -16.34
C TYR B 285 -7.05 0.61 -14.95
N ASN B 286 -8.33 0.31 -14.71
CA ASN B 286 -8.95 0.67 -13.44
C ASN B 286 -8.43 -0.20 -12.31
N PHE B 287 -8.27 -1.50 -12.55
CA PHE B 287 -7.77 -2.43 -11.55
C PHE B 287 -7.17 -3.62 -12.27
N THR B 288 -6.87 -4.67 -11.51
CA THR B 288 -6.13 -5.82 -12.03
C THR B 288 -6.52 -7.05 -11.22
N LEU B 289 -6.99 -8.10 -11.89
CA LEU B 289 -7.19 -9.36 -11.21
C LEU B 289 -5.86 -10.08 -11.04
N MET B 290 -5.73 -10.85 -9.98
CA MET B 290 -4.54 -11.67 -9.77
C MET B 290 -4.98 -12.98 -9.15
N ILE B 291 -4.84 -14.07 -9.89
CA ILE B 291 -5.18 -15.40 -9.42
C ILE B 291 -3.87 -16.13 -9.15
N ILE B 292 -3.49 -16.20 -7.89
CA ILE B 292 -2.23 -16.79 -7.46
C ILE B 292 -2.54 -18.00 -6.59
N PRO B 293 -2.20 -19.21 -7.00
CA PRO B 293 -2.39 -20.39 -6.13
C PRO B 293 -1.34 -20.44 -5.03
N PHE B 294 -1.79 -20.31 -3.78
CA PHE B 294 -0.86 -20.40 -2.67
C PHE B 294 -0.48 -21.85 -2.36
N ALA B 295 -1.42 -22.78 -2.56
CA ALA B 295 -1.16 -24.20 -2.37
C ALA B 295 -1.38 -24.90 -3.71
N LYS B 296 -0.38 -25.65 -4.16
CA LYS B 296 -0.45 -26.31 -5.46
C LYS B 296 -1.47 -27.45 -5.42
N LEU B 297 -2.01 -27.78 -6.59
CA LEU B 297 -3.03 -28.81 -6.70
C LEU B 297 -2.36 -30.17 -6.82
N GLU B 298 -2.78 -31.11 -5.97
CA GLU B 298 -2.19 -32.44 -5.90
C GLU B 298 -3.30 -33.48 -6.03
N TYR B 299 -3.44 -34.07 -7.20
CA TYR B 299 -4.39 -35.14 -7.43
C TYR B 299 -3.71 -36.48 -7.17
N THR B 300 -4.35 -37.56 -7.60
CA THR B 300 -3.83 -38.91 -7.42
C THR B 300 -3.69 -39.51 -8.84
N GLU B 301 -3.27 -40.78 -8.93
CA GLU B 301 -2.99 -41.39 -10.22
C GLU B 301 -4.27 -41.57 -11.04
N GLN B 302 -5.32 -42.12 -10.43
CA GLN B 302 -6.58 -42.33 -11.12
C GLN B 302 -7.51 -41.15 -10.79
N ALA B 303 -7.16 -39.99 -11.35
CA ALA B 303 -7.95 -38.79 -11.15
C ALA B 303 -7.74 -37.88 -12.35
N SER B 304 -8.65 -36.92 -12.51
CA SER B 304 -8.59 -36.02 -13.65
C SER B 304 -7.45 -35.01 -13.47
N ASN B 305 -6.83 -34.63 -14.59
CA ASN B 305 -5.65 -33.79 -14.57
C ASN B 305 -5.79 -32.56 -15.46
N TYR B 306 -7.02 -32.20 -15.84
CA TYR B 306 -7.27 -31.07 -16.72
C TYR B 306 -8.27 -30.13 -16.08
N VAL B 307 -8.02 -29.75 -14.83
CA VAL B 307 -8.90 -28.85 -14.09
C VAL B 307 -8.82 -27.43 -14.67
N PRO B 308 -9.93 -26.89 -15.17
CA PRO B 308 -9.89 -25.55 -15.75
C PRO B 308 -10.28 -24.44 -14.78
N ILE B 309 -10.04 -23.20 -15.17
CA ILE B 309 -10.44 -22.02 -14.42
C ILE B 309 -10.97 -21.00 -15.43
N THR B 310 -12.19 -20.52 -15.23
CA THR B 310 -12.78 -19.50 -16.09
C THR B 310 -13.09 -18.26 -15.28
N VAL B 311 -13.14 -17.12 -15.96
CA VAL B 311 -13.56 -15.86 -15.36
C VAL B 311 -14.72 -15.30 -16.19
N THR B 312 -15.74 -14.79 -15.50
CA THR B 312 -17.04 -14.51 -16.09
C THR B 312 -17.51 -13.11 -15.69
N VAL B 313 -16.69 -12.09 -15.96
CA VAL B 313 -17.01 -10.74 -15.52
C VAL B 313 -18.25 -10.17 -16.22
N ALA B 314 -18.79 -9.10 -15.65
CA ALA B 314 -19.99 -8.43 -16.13
C ALA B 314 -19.98 -6.98 -15.69
N PRO B 315 -19.89 -6.02 -16.60
CA PRO B 315 -19.90 -4.61 -16.22
C PRO B 315 -21.28 -4.16 -15.73
N MET B 316 -21.30 -3.55 -14.55
CA MET B 316 -22.52 -3.04 -13.93
C MET B 316 -22.54 -1.52 -14.09
N CYS B 317 -23.69 -1.00 -14.51
CA CYS B 317 -24.03 0.42 -14.71
C CYS B 317 -22.91 1.18 -15.44
N ALA B 318 -22.69 0.77 -16.68
CA ALA B 318 -21.63 1.34 -17.50
C ALA B 318 -22.10 2.65 -18.14
N GLU B 319 -21.42 3.75 -17.81
CA GLU B 319 -21.76 5.07 -18.31
C GLU B 319 -20.72 5.54 -19.30
N TYR B 320 -21.14 6.37 -20.25
CA TYR B 320 -20.25 6.90 -21.27
C TYR B 320 -20.55 8.36 -21.52
N ASN B 321 -19.54 9.10 -21.94
CA ASN B 321 -19.65 10.53 -22.22
C ASN B 321 -18.74 10.88 -23.38
N GLY B 322 -19.03 12.02 -23.99
CA GLY B 322 -18.19 12.55 -25.05
C GLY B 322 -18.17 11.70 -26.31
N LEU B 323 -19.30 11.63 -27.00
CA LEU B 323 -19.34 10.89 -28.25
C LEU B 323 -18.58 11.66 -29.33
N ARG B 324 -17.53 11.01 -29.84
CA ARG B 324 -16.76 11.57 -30.95
C ARG B 324 -16.73 10.53 -32.06
N LEU B 325 -17.00 10.98 -33.28
CA LEU B 325 -17.05 10.10 -34.45
C LEU B 325 -15.62 9.70 -34.78
N ALA B 326 -15.12 8.72 -34.03
CA ALA B 326 -13.72 8.35 -34.07
C ALA B 326 -13.52 6.96 -34.64
N SER B 327 -14.18 5.94 -34.06
CA SER B 327 -13.99 4.52 -34.37
C SER B 327 -12.50 4.16 -34.31
N HIS B 328 -12.00 4.19 -33.07
CA HIS B 328 -10.58 4.16 -32.67
C HIS B 328 -9.65 3.27 -33.48
N GLN B 329 -10.05 2.03 -33.74
CA GLN B 329 -9.28 1.18 -34.63
C GLN B 329 -10.20 0.28 -35.47
N GLY C 1 4.79 49.21 21.96
CA GLY C 1 3.50 48.55 22.05
C GLY C 1 3.42 47.56 23.19
N LEU C 2 3.00 46.34 22.88
CA LEU C 2 2.92 45.28 23.88
C LEU C 2 4.33 44.79 24.22
N PRO C 3 4.75 44.85 25.47
CA PRO C 3 6.12 44.47 25.83
C PRO C 3 6.26 42.98 26.13
N THR C 4 6.33 42.19 25.06
CA THR C 4 6.47 40.75 25.21
C THR C 4 7.91 40.38 25.54
N MET C 5 8.09 39.13 25.95
CA MET C 5 9.41 38.56 26.23
C MET C 5 9.52 37.25 25.48
N LEU C 6 10.61 37.08 24.74
CA LEU C 6 10.80 35.88 23.93
C LEU C 6 11.28 34.75 24.83
N THR C 7 10.41 33.76 25.03
CA THR C 7 10.74 32.62 25.86
C THR C 7 11.72 31.70 25.13
N PRO C 8 12.41 30.81 25.85
CA PRO C 8 13.15 29.74 25.17
C PRO C 8 12.23 28.85 24.36
N GLY C 9 12.62 28.61 23.11
CA GLY C 9 11.77 27.92 22.16
C GLY C 9 11.51 28.80 20.97
N SER C 10 12.15 29.96 20.95
CA SER C 10 12.00 30.90 19.86
C SER C 10 12.97 30.58 18.74
N ASN C 11 12.52 30.81 17.50
CA ASN C 11 13.31 30.61 16.27
C ASN C 11 13.80 29.17 16.15
N GLN C 12 12.92 28.22 16.42
CA GLN C 12 13.25 26.81 16.34
C GLN C 12 12.34 26.14 15.31
N PHE C 13 12.68 24.90 15.00
CA PHE C 13 12.02 24.14 13.95
C PHE C 13 11.74 22.72 14.45
N LEU C 14 11.04 22.61 15.58
CA LEU C 14 10.56 21.31 16.04
C LEU C 14 9.63 20.70 14.99
N THR C 15 9.90 19.44 14.64
CA THR C 15 9.22 18.81 13.51
C THR C 15 7.79 18.46 13.83
N SER C 16 7.55 17.86 15.00
CA SER C 16 6.23 17.39 15.38
C SER C 16 5.44 18.49 16.09
N ASP C 17 5.27 19.61 15.39
CA ASP C 17 4.59 20.78 15.93
C ASP C 17 3.22 20.92 15.30
N ASP C 18 2.50 21.96 15.73
CA ASP C 18 1.24 22.34 15.08
C ASP C 18 1.11 23.86 15.22
N PHE C 19 1.61 24.57 14.21
CA PHE C 19 1.58 26.03 14.18
C PHE C 19 0.87 26.49 12.92
N GLN C 20 0.35 27.72 12.99
CA GLN C 20 -0.24 28.32 11.80
C GLN C 20 0.86 28.92 10.94
N SER C 21 0.49 29.27 9.70
CA SER C 21 1.44 29.81 8.74
C SER C 21 0.65 30.53 7.66
N PRO C 22 1.21 31.60 7.07
CA PRO C 22 0.50 32.30 6.00
C PRO C 22 0.48 31.48 4.72
N SER C 23 -0.53 31.74 3.90
CA SER C 23 -0.77 30.95 2.72
C SER C 23 0.00 31.51 1.53
N ALA C 24 0.51 30.60 0.69
CA ALA C 24 1.22 31.00 -0.51
C ALA C 24 0.32 31.14 -1.71
N MET C 25 -0.83 30.47 -1.71
CA MET C 25 -1.85 30.59 -2.74
C MET C 25 -3.10 31.18 -2.11
N PRO C 26 -3.19 32.50 -1.97
CA PRO C 26 -4.35 33.09 -1.31
C PRO C 26 -5.58 33.11 -2.20
N GLN C 27 -6.73 32.90 -1.57
CA GLN C 27 -8.06 32.86 -2.21
C GLN C 27 -8.14 31.79 -3.29
N PHE C 28 -7.44 30.68 -3.10
CA PHE C 28 -7.37 29.62 -4.10
C PHE C 28 -8.41 28.58 -3.77
N ASP C 29 -9.49 28.55 -4.56
CA ASP C 29 -10.52 27.53 -4.40
C ASP C 29 -9.99 26.17 -4.83
N VAL C 30 -10.62 25.12 -4.28
CA VAL C 30 -10.17 23.76 -4.50
C VAL C 30 -11.18 23.04 -5.40
N THR C 31 -10.77 21.87 -5.89
CA THR C 31 -11.72 20.99 -6.55
C THR C 31 -12.69 20.42 -5.51
N PRO C 32 -13.96 20.27 -5.86
CA PRO C 32 -14.95 19.80 -4.87
C PRO C 32 -14.73 18.35 -4.49
N GLU C 33 -15.35 17.97 -3.38
CA GLU C 33 -15.10 16.68 -2.77
C GLU C 33 -15.82 15.57 -3.50
N MET C 34 -15.14 14.43 -3.63
CA MET C 34 -15.69 13.23 -4.25
C MET C 34 -15.60 12.08 -3.26
N LYS C 35 -16.52 11.13 -3.38
CA LYS C 35 -16.59 9.98 -2.48
C LYS C 35 -15.90 8.79 -3.14
N ILE C 36 -14.58 8.77 -3.06
CA ILE C 36 -13.83 7.57 -3.41
C ILE C 36 -14.05 6.53 -2.32
N PRO C 37 -14.41 5.29 -2.66
CA PRO C 37 -14.63 4.28 -1.63
C PRO C 37 -13.33 3.83 -0.99
N GLY C 38 -13.46 3.35 0.25
CA GLY C 38 -12.31 2.91 1.01
C GLY C 38 -11.60 4.00 1.75
N GLU C 39 -12.31 5.03 2.20
CA GLU C 39 -11.71 6.12 2.95
C GLU C 39 -11.34 5.62 4.34
N VAL C 40 -10.07 5.31 4.54
CA VAL C 40 -9.61 4.83 5.84
C VAL C 40 -9.46 6.03 6.76
N HIS C 41 -9.75 5.81 8.04
CA HIS C 41 -9.69 6.85 9.06
C HIS C 41 -8.48 6.70 9.97
N ASN C 42 -8.26 5.50 10.49
CA ASN C 42 -7.14 5.20 11.36
C ASN C 42 -6.25 4.16 10.69
N LEU C 43 -4.95 4.22 10.98
CA LEU C 43 -4.00 3.29 10.36
C LEU C 43 -4.20 1.86 10.84
N MET C 44 -4.74 1.66 12.05
CA MET C 44 -4.89 0.33 12.58
C MET C 44 -5.94 -0.50 11.86
N GLU C 45 -6.76 0.11 11.02
CA GLU C 45 -7.68 -0.65 10.18
C GLU C 45 -6.97 -1.46 9.10
N ILE C 46 -5.71 -1.15 8.81
CA ILE C 46 -4.93 -2.04 7.96
C ILE C 46 -4.42 -3.23 8.78
N ALA C 47 -4.23 -3.05 10.08
CA ALA C 47 -3.81 -4.13 10.96
C ALA C 47 -4.99 -4.91 11.55
N GLU C 48 -6.11 -4.89 10.84
CA GLU C 48 -7.27 -5.74 11.25
C GLU C 48 -7.59 -6.61 10.05
N VAL C 49 -6.81 -6.46 8.97
CA VAL C 49 -7.01 -7.31 7.77
C VAL C 49 -5.96 -8.42 7.79
N ASP C 50 -6.37 -9.66 7.57
CA ASP C 50 -5.42 -10.79 7.70
C ASP C 50 -4.37 -10.76 6.59
N SER C 51 -3.13 -11.11 6.91
CA SER C 51 -2.08 -11.23 5.86
C SER C 51 -1.34 -12.53 6.12
N VAL C 52 -1.13 -13.36 5.11
CA VAL C 52 -0.52 -14.70 5.37
C VAL C 52 0.87 -14.48 5.95
N VAL C 53 1.26 -15.29 6.94
CA VAL C 53 2.57 -15.11 7.63
C VAL C 53 3.51 -16.18 7.09
N PRO C 54 4.78 -15.90 6.77
CA PRO C 54 5.62 -16.93 6.18
C PRO C 54 6.10 -17.90 7.27
N VAL C 55 5.23 -18.81 7.72
CA VAL C 55 5.60 -19.72 8.85
C VAL C 55 6.76 -20.64 8.49
N ASN C 56 6.81 -21.20 7.29
CA ASN C 56 7.99 -22.03 6.93
C ASN C 56 9.08 -21.12 6.38
N ASN C 57 9.62 -20.21 7.20
CA ASN C 57 10.64 -19.25 6.69
C ASN C 57 12.03 -19.83 6.82
N THR C 58 12.29 -20.96 6.16
CA THR C 58 13.64 -21.57 6.16
C THR C 58 14.49 -20.83 5.13
N LYS C 59 15.81 -21.04 5.14
CA LYS C 59 16.72 -20.28 4.25
C LYS C 59 16.45 -20.52 2.76
N GLU C 60 16.32 -21.78 2.36
CA GLU C 60 16.03 -22.08 0.94
C GLU C 60 14.60 -21.66 0.61
N ASN C 61 13.66 -21.89 1.52
CA ASN C 61 12.24 -21.60 1.27
C ASN C 61 11.94 -20.11 1.14
N ILE C 62 12.59 -19.22 1.90
CA ILE C 62 12.16 -17.78 1.90
C ILE C 62 12.20 -17.23 0.48
N ASN C 63 13.22 -17.56 -0.30
CA ASN C 63 13.28 -16.95 -1.65
C ASN C 63 12.07 -17.46 -2.41
N SER C 64 11.72 -18.73 -2.22
CA SER C 64 10.61 -19.36 -2.98
C SER C 64 9.23 -19.00 -2.40
N MET C 65 8.17 -19.31 -3.13
CA MET C 65 6.78 -19.13 -2.65
C MET C 65 6.54 -20.12 -1.52
N GLU C 66 7.29 -21.24 -1.51
CA GLU C 66 6.99 -22.28 -0.51
C GLU C 66 7.55 -21.87 0.84
N ALA C 67 7.23 -20.67 1.32
CA ALA C 67 7.63 -20.27 2.69
C ALA C 67 6.34 -20.01 3.45
N TYR C 68 5.23 -19.89 2.73
CA TYR C 68 3.92 -19.63 3.37
C TYR C 68 3.18 -20.94 3.62
N ARG C 69 3.61 -22.04 3.02
CA ARG C 69 2.85 -23.32 3.16
C ARG C 69 3.50 -24.18 4.23
N ILE C 70 2.78 -24.49 5.30
CA ILE C 70 3.38 -25.27 6.43
C ILE C 70 3.02 -26.73 6.20
N PRO C 71 3.99 -27.67 6.22
CA PRO C 71 3.68 -29.06 5.95
C PRO C 71 2.90 -29.78 7.04
N VAL C 72 1.87 -30.56 6.67
CA VAL C 72 1.13 -31.39 7.66
C VAL C 72 1.04 -32.80 7.10
N THR C 73 2.15 -33.53 7.12
CA THR C 73 2.19 -34.88 6.49
C THR C 73 1.27 -35.83 7.25
N GLY C 74 0.71 -36.80 6.54
CA GLY C 74 -0.22 -37.74 7.18
C GLY C 74 0.49 -39.04 7.51
N GLY C 75 0.36 -39.50 8.75
CA GLY C 75 0.99 -40.76 9.17
C GLY C 75 0.91 -40.89 10.67
N ASP C 76 1.59 -41.87 11.26
CA ASP C 76 1.59 -41.88 12.74
C ASP C 76 2.81 -41.15 13.24
N GLN C 77 2.63 -39.91 13.71
CA GLN C 77 3.75 -39.12 14.29
C GLN C 77 3.46 -39.01 15.78
N LEU C 78 2.56 -38.10 16.16
CA LEU C 78 2.10 -37.95 17.58
C LEU C 78 3.19 -37.29 18.42
N HIS C 79 4.33 -36.96 17.81
CA HIS C 79 5.39 -36.23 18.55
C HIS C 79 5.84 -35.04 17.71
N THR C 80 5.66 -35.10 16.40
CA THR C 80 6.20 -34.02 15.54
C THR C 80 5.51 -32.69 15.83
N GLN C 81 6.27 -31.61 15.86
CA GLN C 81 5.69 -30.27 16.10
C GLN C 81 5.52 -29.59 14.76
N VAL C 82 4.29 -29.27 14.37
CA VAL C 82 4.10 -28.71 13.00
C VAL C 82 4.81 -27.36 12.92
N PHE C 83 4.67 -26.52 13.96
CA PHE C 83 5.35 -25.21 13.97
C PHE C 83 5.50 -24.64 15.38
N GLY C 84 6.46 -23.75 15.58
CA GLY C 84 6.60 -23.05 16.86
C GLY C 84 7.28 -21.71 16.64
N PHE C 85 6.77 -20.63 17.22
CA PHE C 85 7.50 -19.35 17.08
C PHE C 85 7.28 -18.47 18.30
N GLN C 86 8.29 -17.70 18.70
CA GLN C 86 8.08 -16.74 19.80
C GLN C 86 7.06 -15.74 19.29
N MET C 87 6.08 -15.34 20.10
CA MET C 87 5.02 -14.44 19.57
C MET C 87 5.51 -13.01 19.70
N GLN C 88 6.62 -12.68 19.03
CA GLN C 88 7.12 -11.27 19.02
C GLN C 88 6.68 -10.65 17.71
N PRO C 89 5.58 -9.86 17.66
CA PRO C 89 5.06 -9.34 16.41
C PRO C 89 6.03 -8.37 15.71
N GLY C 90 7.05 -7.87 16.38
CA GLY C 90 7.91 -6.86 15.74
C GLY C 90 9.24 -7.39 15.23
N LEU C 91 9.98 -8.15 16.02
CA LEU C 91 11.35 -8.58 15.60
C LEU C 91 11.33 -9.95 14.91
N ASN C 92 10.52 -10.88 15.42
CA ASN C 92 10.45 -12.26 14.89
C ASN C 92 10.43 -12.27 13.36
N SER C 93 11.16 -13.20 12.75
CA SER C 93 11.22 -13.32 11.27
C SER C 93 9.84 -13.65 10.72
N VAL C 94 9.11 -14.50 11.44
CA VAL C 94 7.77 -14.95 10.96
C VAL C 94 6.87 -13.72 10.77
N PHE C 95 6.64 -12.94 11.83
CA PHE C 95 5.81 -11.71 11.68
C PHE C 95 6.67 -10.44 11.72
N LYS C 96 6.97 -9.85 10.57
CA LYS C 96 7.70 -8.55 10.51
C LYS C 96 7.38 -7.91 9.16
N ARG C 97 7.29 -8.73 8.10
CA ARG C 97 6.88 -8.22 6.76
C ARG C 97 5.39 -8.46 6.54
N THR C 98 4.70 -9.06 7.51
CA THR C 98 3.23 -9.23 7.41
C THR C 98 2.60 -7.86 7.61
N LEU C 99 1.35 -7.67 7.19
CA LEU C 99 0.76 -6.32 7.29
C LEU C 99 0.75 -5.89 8.75
N LEU C 100 0.39 -6.80 9.68
CA LEU C 100 0.31 -6.34 11.08
C LEU C 100 1.67 -5.81 11.48
N GLY C 101 2.71 -6.55 11.12
CA GLY C 101 4.08 -6.14 11.51
C GLY C 101 4.48 -4.84 10.86
N GLU C 102 4.18 -4.64 9.59
CA GLU C 102 4.69 -3.43 8.92
C GLU C 102 4.12 -2.17 9.56
N ILE C 103 2.81 -2.12 9.81
CA ILE C 103 2.27 -0.93 10.52
C ILE C 103 2.89 -0.90 11.91
N LEU C 104 3.01 -2.05 12.57
CA LEU C 104 3.55 -2.09 13.96
C LEU C 104 5.00 -1.62 13.93
N ASN C 105 5.78 -1.98 12.91
CA ASN C 105 7.22 -1.63 12.92
C ASN C 105 7.35 -0.10 12.92
N TYR C 106 6.40 0.60 12.30
CA TYR C 106 6.43 2.09 12.34
C TYR C 106 6.28 2.55 13.79
N TYR C 107 5.45 1.88 14.59
CA TYR C 107 5.18 2.38 15.96
C TYR C 107 6.03 1.65 17.01
N ALA C 108 6.67 2.36 17.94
CA ALA C 108 7.59 1.74 18.90
C ALA C 108 6.95 0.75 19.89
N HIS C 109 5.76 1.02 20.42
CA HIS C 109 5.16 0.16 21.48
C HIS C 109 3.91 -0.56 20.98
N TRP C 110 3.71 -1.82 21.37
CA TRP C 110 2.53 -2.59 20.92
C TRP C 110 1.72 -3.15 22.09
N SER C 111 0.41 -2.91 22.11
CA SER C 111 -0.45 -3.51 23.16
C SER C 111 -1.74 -4.02 22.55
N GLY C 112 -2.05 -5.31 22.70
CA GLY C 112 -3.32 -5.85 22.19
C GLY C 112 -3.32 -7.36 22.14
N SER C 113 -4.31 -7.95 21.49
CA SER C 113 -4.36 -9.42 21.34
C SER C 113 -4.25 -9.77 19.85
N VAL C 114 -3.22 -10.52 19.46
CA VAL C 114 -3.04 -10.96 18.05
C VAL C 114 -3.97 -12.14 17.81
N LYS C 115 -4.45 -12.33 16.58
CA LYS C 115 -5.29 -13.51 16.27
C LYS C 115 -4.61 -14.27 15.13
N LEU C 116 -4.29 -15.56 15.31
CA LEU C 116 -3.73 -16.37 14.19
C LEU C 116 -4.83 -17.32 13.75
N THR C 117 -5.24 -17.26 12.48
CA THR C 117 -6.26 -18.20 11.95
C THR C 117 -5.56 -19.17 11.00
N PHE C 118 -5.57 -20.46 11.33
CA PHE C 118 -4.81 -21.41 10.49
C PHE C 118 -5.79 -22.15 9.57
N VAL C 119 -5.78 -21.84 8.28
CA VAL C 119 -6.70 -22.49 7.31
C VAL C 119 -6.12 -23.85 6.93
N PHE C 120 -6.95 -24.81 6.56
CA PHE C 120 -6.41 -26.10 6.08
C PHE C 120 -6.73 -26.21 4.59
N CYS C 121 -5.69 -26.26 3.75
CA CYS C 121 -5.91 -26.47 2.30
C CYS C 121 -5.67 -27.94 2.04
N GLY C 122 -6.74 -28.74 1.96
CA GLY C 122 -6.57 -30.19 1.84
C GLY C 122 -7.80 -30.87 1.28
N SER C 123 -7.71 -32.15 0.97
CA SER C 123 -8.84 -32.87 0.33
C SER C 123 -10.04 -32.86 1.25
N ALA C 124 -11.24 -32.90 0.68
CA ALA C 124 -12.44 -32.79 1.54
C ALA C 124 -12.49 -33.97 2.50
N MET C 125 -12.06 -35.15 2.05
CA MET C 125 -12.19 -36.37 2.90
C MET C 125 -11.21 -36.40 4.07
N ALA C 126 -10.19 -35.55 4.09
CA ALA C 126 -9.17 -35.64 5.16
C ALA C 126 -9.76 -35.26 6.52
N THR C 127 -9.35 -35.94 7.60
CA THR C 127 -9.82 -35.59 8.96
C THR C 127 -8.66 -35.71 9.97
N GLY C 128 -8.48 -34.71 10.85
CA GLY C 128 -7.43 -34.77 11.89
C GLY C 128 -7.65 -33.74 12.99
N LYS C 129 -6.98 -33.86 14.13
CA LYS C 129 -7.11 -32.87 15.22
C LYS C 129 -5.72 -32.31 15.58
N PHE C 130 -5.59 -30.98 15.72
CA PHE C 130 -4.29 -30.36 16.09
C PHE C 130 -4.47 -29.48 17.34
N LEU C 131 -3.52 -29.53 18.27
CA LEU C 131 -3.60 -28.69 19.50
C LEU C 131 -2.66 -27.52 19.30
N LEU C 132 -3.18 -26.30 19.22
CA LEU C 132 -2.33 -25.10 19.10
C LEU C 132 -2.28 -24.44 20.47
N ALA C 133 -1.11 -24.31 21.07
CA ALA C 133 -1.05 -23.80 22.45
C ALA C 133 -0.16 -22.58 22.59
N TYR C 134 -0.70 -21.51 23.16
CA TYR C 134 0.16 -20.33 23.46
C TYR C 134 0.72 -20.61 24.85
N SER C 135 2.01 -20.91 24.94
CA SER C 135 2.64 -21.08 26.26
C SER C 135 3.18 -19.71 26.68
N PRO C 136 2.82 -19.17 27.86
CA PRO C 136 3.25 -17.83 28.26
C PRO C 136 4.76 -17.88 28.52
N PRO C 137 5.47 -16.75 28.72
CA PRO C 137 6.94 -16.79 28.81
C PRO C 137 7.46 -17.80 29.85
N GLY C 138 6.83 -17.90 31.01
CA GLY C 138 7.19 -18.93 32.01
C GLY C 138 8.65 -19.37 31.98
N ALA C 139 8.93 -20.60 31.52
CA ALA C 139 10.32 -21.11 31.63
C ALA C 139 10.89 -21.52 30.27
N SER C 140 10.53 -22.70 29.78
CA SER C 140 11.17 -23.19 28.53
C SER C 140 10.12 -23.56 27.47
N PRO C 141 10.45 -23.49 26.17
CA PRO C 141 9.49 -23.78 25.13
C PRO C 141 8.84 -25.17 25.26
N PRO C 142 7.55 -25.41 24.88
CA PRO C 142 7.02 -26.76 24.95
C PRO C 142 7.76 -27.71 24.01
N GLN C 143 8.17 -28.89 24.47
CA GLN C 143 8.97 -29.80 23.62
C GLN C 143 8.20 -31.10 23.34
N ASN C 144 7.18 -31.43 24.14
CA ASN C 144 6.33 -32.62 23.90
C ASN C 144 4.88 -32.22 24.13
N ARG C 145 3.90 -32.96 23.61
CA ARG C 145 2.50 -32.49 23.70
C ARG C 145 2.09 -32.31 25.16
N LYS C 146 2.52 -33.20 26.04
CA LYS C 146 2.10 -33.13 27.47
C LYS C 146 2.55 -31.78 28.03
N GLN C 147 3.72 -31.30 27.63
CA GLN C 147 4.16 -29.95 28.08
C GLN C 147 3.22 -28.87 27.52
N ALA C 148 2.81 -28.96 26.26
CA ALA C 148 1.93 -27.95 25.62
C ALA C 148 0.52 -27.94 26.20
N MET C 149 0.01 -29.10 26.62
CA MET C 149 -1.40 -29.20 27.07
C MET C 149 -1.65 -28.24 28.23
N LEU C 150 -0.70 -28.05 29.13
CA LEU C 150 -0.96 -27.21 30.33
C LEU C 150 -1.28 -25.78 29.88
N GLY C 151 -0.57 -25.23 28.90
CA GLY C 151 -0.77 -23.83 28.47
C GLY C 151 -2.06 -23.66 27.70
N THR C 152 -2.57 -22.43 27.56
CA THR C 152 -3.90 -22.25 26.91
C THR C 152 -3.87 -22.85 25.51
N HIS C 153 -4.90 -23.61 25.13
CA HIS C 153 -4.83 -24.32 23.82
C HIS C 153 -6.20 -24.52 23.20
N VAL C 154 -6.27 -24.75 21.88
CA VAL C 154 -7.56 -25.06 21.21
C VAL C 154 -7.38 -26.35 20.40
N ILE C 155 -8.26 -27.33 20.56
CA ILE C 155 -8.19 -28.56 19.71
C ILE C 155 -9.03 -28.28 18.48
N TRP C 156 -8.45 -28.42 17.29
CA TRP C 156 -9.18 -28.08 16.04
C TRP C 156 -9.42 -29.36 15.25
N ASP C 157 -10.68 -29.63 14.87
CA ASP C 157 -10.93 -30.82 14.03
C ASP C 157 -10.85 -30.37 12.58
N VAL C 158 -9.84 -30.84 11.85
CA VAL C 158 -9.63 -30.36 10.46
C VAL C 158 -10.86 -30.72 9.64
N GLY C 159 -11.36 -31.94 9.82
CA GLY C 159 -12.54 -32.38 9.05
C GLY C 159 -13.78 -31.59 9.38
N LEU C 160 -14.06 -31.36 10.66
CA LEU C 160 -15.33 -30.68 10.98
C LEU C 160 -15.30 -29.24 10.44
N GLN C 161 -14.19 -28.53 10.62
CA GLN C 161 -14.13 -27.13 10.18
C GLN C 161 -12.72 -26.80 9.71
N SER C 162 -12.58 -26.07 8.61
CA SER C 162 -11.24 -25.57 8.23
C SER C 162 -11.15 -24.23 8.94
N SER C 163 -10.02 -23.55 8.90
CA SER C 163 -9.94 -22.17 9.46
C SER C 163 -10.22 -22.04 10.97
N CYS C 164 -9.63 -22.90 11.81
CA CYS C 164 -9.75 -22.67 13.28
C CYS C 164 -8.93 -21.45 13.65
N VAL C 165 -9.41 -20.61 14.57
CA VAL C 165 -8.71 -19.33 14.91
C VAL C 165 -8.31 -19.33 16.38
N LEU C 166 -7.09 -18.91 16.68
CA LEU C 166 -6.64 -18.79 18.09
C LEU C 166 -6.39 -17.31 18.38
N CYS C 167 -7.13 -16.73 19.32
CA CYS C 167 -6.87 -15.32 19.70
C CYS C 167 -5.87 -15.35 20.84
N ILE C 168 -4.59 -15.16 20.53
CA ILE C 168 -3.54 -15.27 21.58
C ILE C 168 -3.84 -14.19 22.61
N PRO C 169 -4.00 -14.54 23.90
CA PRO C 169 -4.39 -13.55 24.91
C PRO C 169 -3.27 -12.58 25.27
N TRP C 170 -3.66 -11.41 25.81
CA TRP C 170 -2.64 -10.42 26.26
C TRP C 170 -2.39 -10.64 27.74
N ILE C 171 -1.35 -11.40 28.10
CA ILE C 171 -0.99 -11.52 29.54
C ILE C 171 0.41 -10.91 29.68
N SER C 172 0.52 -9.76 30.33
CA SER C 172 1.85 -9.10 30.40
C SER C 172 2.02 -8.27 31.68
N GLN C 173 3.25 -8.18 32.17
CA GLN C 173 3.54 -7.38 33.39
C GLN C 173 3.23 -5.92 33.11
N THR C 174 3.52 -5.43 31.91
CA THR C 174 3.35 -3.99 31.61
C THR C 174 2.18 -3.79 30.65
N HIS C 175 1.57 -2.61 30.68
CA HIS C 175 0.47 -2.30 29.74
C HIS C 175 1.00 -2.37 28.31
N TYR C 176 2.24 -1.93 28.07
CA TYR C 176 2.77 -1.90 26.68
C TYR C 176 4.11 -2.65 26.60
N ARG C 177 4.32 -3.47 25.56
CA ARG C 177 5.60 -4.18 25.36
C ARG C 177 6.30 -3.58 24.15
N LEU C 178 7.59 -3.29 24.24
CA LEU C 178 8.29 -2.60 23.13
C LEU C 178 8.34 -3.52 21.90
N VAL C 179 8.21 -2.97 20.70
CA VAL C 179 8.20 -3.81 19.47
C VAL C 179 9.52 -4.53 19.42
N GLN C 180 10.61 -3.84 19.78
CA GLN C 180 11.92 -4.51 19.88
C GLN C 180 11.94 -5.19 21.25
N GLN C 181 11.23 -6.32 21.40
CA GLN C 181 11.09 -6.95 22.72
C GLN C 181 12.44 -7.42 23.27
N ASP C 182 12.67 -7.19 24.56
CA ASP C 182 13.91 -7.68 25.23
C ASP C 182 13.52 -8.90 26.05
N GLU C 183 14.43 -9.45 26.85
CA GLU C 183 14.00 -10.58 27.71
C GLU C 183 12.89 -10.03 28.59
N TYR C 184 13.03 -8.80 29.05
CA TYR C 184 11.93 -8.14 29.81
C TYR C 184 10.93 -7.59 28.79
N THR C 185 9.63 -7.61 29.08
CA THR C 185 8.57 -7.19 28.12
C THR C 185 8.63 -8.09 26.87
N SER C 186 8.92 -9.38 27.05
CA SER C 186 8.90 -10.34 25.91
C SER C 186 7.54 -11.03 25.87
N ALA C 187 7.35 -11.96 24.93
CA ALA C 187 6.05 -12.66 24.80
C ALA C 187 6.27 -14.16 24.73
N GLY C 188 5.26 -14.95 25.10
CA GLY C 188 5.41 -16.41 25.16
C GLY C 188 5.46 -17.12 23.82
N TYR C 189 5.99 -18.36 23.79
CA TYR C 189 6.09 -19.16 22.56
C TYR C 189 4.71 -19.67 22.13
N VAL C 190 4.47 -19.92 20.83
CA VAL C 190 3.19 -20.51 20.33
C VAL C 190 3.54 -21.79 19.56
N THR C 191 2.84 -22.90 19.81
CA THR C 191 3.24 -24.18 19.16
C THR C 191 2.01 -25.01 18.77
N CYS C 192 2.13 -25.93 17.79
CA CYS C 192 1.00 -26.78 17.34
C CYS C 192 1.41 -28.26 17.31
N TRP C 193 0.62 -29.16 17.91
CA TRP C 193 0.98 -30.60 18.01
C TRP C 193 -0.15 -31.49 17.50
N TYR C 194 0.19 -32.66 16.95
CA TYR C 194 -0.85 -33.59 16.41
C TYR C 194 -1.66 -34.16 17.56
N GLN C 195 -2.98 -34.24 17.43
CA GLN C 195 -3.80 -34.86 18.50
C GLN C 195 -4.17 -36.29 18.10
N THR C 196 -4.64 -36.51 16.87
CA THR C 196 -5.10 -37.86 16.45
C THR C 196 -4.29 -38.37 15.26
N GLY C 197 -3.71 -37.47 14.47
CA GLY C 197 -2.97 -37.88 13.24
C GLY C 197 -3.87 -37.76 12.02
N LEU C 198 -3.42 -37.11 10.95
CA LEU C 198 -4.33 -36.90 9.81
C LEU C 198 -4.70 -38.26 9.24
N ILE C 199 -6.00 -38.48 8.99
CA ILE C 199 -6.47 -39.76 8.36
C ILE C 199 -6.97 -39.41 6.95
N VAL C 200 -6.17 -39.71 5.93
CA VAL C 200 -6.55 -39.39 4.53
C VAL C 200 -6.89 -40.71 3.82
N PRO C 201 -8.04 -40.82 3.11
CA PRO C 201 -8.43 -42.07 2.46
C PRO C 201 -7.55 -42.42 1.25
N PRO C 202 -7.58 -43.67 0.73
CA PRO C 202 -6.79 -44.06 -0.43
C PRO C 202 -6.89 -43.12 -1.64
N GLY C 203 -8.09 -42.62 -1.96
CA GLY C 203 -8.27 -41.77 -3.15
C GLY C 203 -7.68 -40.38 -2.99
N ALA C 204 -7.25 -39.97 -1.80
CA ALA C 204 -6.73 -38.58 -1.76
C ALA C 204 -5.23 -38.58 -1.47
N PRO C 205 -4.48 -37.53 -1.86
CA PRO C 205 -3.05 -37.46 -1.55
C PRO C 205 -2.80 -37.35 -0.05
N PRO C 206 -1.84 -38.08 0.53
CA PRO C 206 -1.62 -38.05 1.97
C PRO C 206 -1.19 -36.67 2.49
N SER C 207 -0.28 -35.99 1.78
CA SER C 207 0.24 -34.69 2.28
C SER C 207 -0.82 -33.61 2.12
N CYS C 208 -0.77 -32.59 3.00
CA CYS C 208 -1.73 -31.47 2.92
C CYS C 208 -0.97 -30.20 3.30
N THR C 209 -1.51 -29.02 3.02
CA THR C 209 -0.78 -27.78 3.30
C THR C 209 -1.64 -26.86 4.16
N ILE C 210 -1.11 -26.36 5.28
CA ILE C 210 -1.86 -25.47 6.21
C ILE C 210 -1.20 -24.10 6.14
N LEU C 211 -1.96 -23.01 6.15
CA LEU C 211 -1.36 -21.66 5.99
C LEU C 211 -1.76 -20.84 7.22
N CYS C 212 -1.03 -19.78 7.56
CA CYS C 212 -1.35 -19.03 8.80
C CYS C 212 -1.69 -17.57 8.51
N PHE C 213 -2.83 -17.08 8.99
CA PHE C 213 -3.22 -15.66 8.78
C PHE C 213 -3.15 -14.92 10.12
N ALA C 214 -2.49 -13.77 10.15
CA ALA C 214 -2.29 -13.04 11.42
C ALA C 214 -2.88 -11.63 11.33
N SER C 215 -3.83 -11.29 12.19
CA SER C 215 -4.38 -9.92 12.22
C SER C 215 -4.67 -9.56 13.67
N ALA C 216 -4.51 -8.31 14.05
CA ALA C 216 -4.71 -7.93 15.47
C ALA C 216 -6.20 -8.00 15.81
N CYS C 217 -6.53 -8.34 17.06
CA CYS C 217 -7.96 -8.31 17.45
C CYS C 217 -8.38 -6.85 17.57
N ASN C 218 -9.62 -6.58 17.94
CA ASN C 218 -10.07 -5.16 17.94
C ASN C 218 -9.24 -4.36 18.94
N ASP C 219 -8.90 -4.93 20.09
CA ASP C 219 -8.20 -4.13 21.12
C ASP C 219 -6.68 -4.09 20.87
N PHE C 220 -6.22 -3.41 19.83
CA PHE C 220 -4.75 -3.27 19.59
C PHE C 220 -4.41 -1.78 19.60
N SER C 221 -3.22 -1.40 20.07
CA SER C 221 -2.89 0.03 20.17
C SER C 221 -1.42 0.23 19.87
N VAL C 222 -1.04 1.43 19.45
CA VAL C 222 0.40 1.71 19.24
C VAL C 222 0.71 2.90 20.14
N ARG C 223 1.96 3.13 20.56
CA ARG C 223 2.19 4.24 21.53
C ARG C 223 3.19 5.29 21.03
N ASN C 224 4.17 4.91 20.20
CA ASN C 224 5.18 5.93 19.79
C ASN C 224 5.36 5.85 18.27
N LEU C 225 6.19 6.71 17.68
CA LEU C 225 6.44 6.68 16.21
C LEU C 225 7.94 6.73 15.95
N ARG C 226 8.44 5.97 14.96
CA ARG C 226 9.90 5.90 14.72
C ARG C 226 10.21 5.48 13.28
N ASP C 227 11.46 5.68 12.83
CA ASP C 227 11.88 5.25 11.50
C ASP C 227 11.73 3.74 11.36
N THR C 228 11.31 3.31 10.18
CA THR C 228 11.24 1.88 9.93
C THR C 228 12.64 1.36 9.61
N PRO C 229 13.15 0.37 10.36
CA PRO C 229 14.46 -0.18 10.03
C PRO C 229 14.40 -1.28 8.97
N PHE C 230 13.61 -1.06 7.92
CA PHE C 230 13.44 -2.00 6.83
C PHE C 230 13.79 -1.42 5.47
N ILE C 231 13.56 -0.13 5.26
CA ILE C 231 13.85 0.52 3.98
C ILE C 231 14.93 1.56 4.22
N GLU C 232 15.77 1.78 3.22
CA GLU C 232 16.89 2.70 3.32
C GLU C 232 17.16 3.29 1.94
N GLN C 233 18.09 4.24 1.89
CA GLN C 233 18.56 4.79 0.63
C GLN C 233 20.01 5.20 0.80
N THR C 234 20.67 5.49 -0.32
CA THR C 234 22.06 5.89 -0.31
C THR C 234 22.24 7.34 -0.75
N GLN C 235 21.75 7.69 -1.93
CA GLN C 235 21.82 9.05 -2.44
C GLN C 235 20.42 9.52 -2.82
N LEU C 236 20.34 10.76 -3.29
CA LEU C 236 19.11 11.24 -3.89
C LEU C 236 18.87 10.48 -5.18
N LEU C 237 17.93 9.55 -5.16
CA LEU C 237 17.68 8.71 -6.33
C LEU C 237 16.97 9.51 -7.41
N GLN C 238 17.44 9.35 -8.64
CA GLN C 238 16.98 10.17 -9.75
C GLN C 238 16.44 9.31 -10.90
#